data_2FFW
#
_entry.id   2FFW
#
loop_
_entity.id
_entity.type
_entity.pdbx_description
1 polymer Midline-1
2 non-polymer 'ZINC ION'
#
_entity_poly.entity_id   1
_entity_poly.type   'polypeptide(L)'
_entity_poly.pdbx_seq_one_letter_code
;QKASVSGPNSPSETRRERAFDANTMTSAEKVLCQFCDQDPAQDAVKTCVTCEVSYCDECLKATHPNKKPFTGHRLIEP
;
_entity_poly.pdbx_strand_id   A
#
# COMPACT_ATOMS: atom_id res chain seq x y z
N GLN A 1 24.36 51.77 25.56
CA GLN A 1 25.62 51.40 24.95
C GLN A 1 25.82 49.89 24.97
N LYS A 2 25.47 49.24 23.86
CA LYS A 2 25.60 47.80 23.75
C LYS A 2 25.61 47.36 22.29
N ALA A 3 26.02 46.12 22.04
CA ALA A 3 26.08 45.58 20.70
C ALA A 3 25.03 44.48 20.50
N SER A 4 24.60 44.30 19.25
CA SER A 4 23.61 43.28 18.93
C SER A 4 23.67 42.92 17.45
N VAL A 5 24.00 41.65 17.18
CA VAL A 5 24.10 41.17 15.80
C VAL A 5 22.93 40.24 15.47
N SER A 6 22.46 40.31 14.23
CA SER A 6 21.35 39.48 13.77
C SER A 6 21.85 38.16 13.21
N GLY A 7 20.97 37.17 13.14
CA GLY A 7 21.36 35.87 12.61
C GLY A 7 22.04 35.00 13.63
N PRO A 8 21.28 34.55 14.64
CA PRO A 8 21.82 33.69 15.71
C PRO A 8 22.16 32.30 15.22
N ASN A 9 22.83 31.52 16.07
CA ASN A 9 23.23 30.17 15.72
C ASN A 9 22.01 29.31 15.41
N SER A 10 22.22 28.27 14.60
CA SER A 10 21.14 27.38 14.21
C SER A 10 21.68 26.02 13.78
N PRO A 11 22.21 25.25 14.76
CA PRO A 11 22.77 23.92 14.51
C PRO A 11 21.69 22.90 14.15
N SER A 12 21.80 22.33 12.94
CA SER A 12 20.84 21.35 12.47
C SER A 12 20.91 20.07 13.32
N GLU A 13 20.01 19.95 14.28
CA GLU A 13 19.97 18.79 15.15
C GLU A 13 18.83 17.84 14.75
N THR A 14 18.46 17.88 13.49
CA THR A 14 17.39 17.04 12.97
C THR A 14 17.89 15.61 12.74
N ARG A 15 16.97 14.65 12.84
CA ARG A 15 17.31 13.24 12.65
C ARG A 15 16.28 12.55 11.76
N ARG A 16 16.61 11.35 11.31
CA ARG A 16 15.72 10.59 10.45
C ARG A 16 15.56 9.16 10.96
N GLU A 17 14.84 8.34 10.20
CA GLU A 17 14.61 6.95 10.57
C GLU A 17 14.13 6.13 9.39
N ARG A 18 15.03 5.32 8.83
CA ARG A 18 14.70 4.49 7.68
C ARG A 18 14.92 3.01 8.00
N ALA A 19 14.12 2.15 7.38
CA ALA A 19 14.22 0.72 7.60
C ALA A 19 13.69 -0.06 6.40
N PHE A 20 14.09 -1.32 6.29
CA PHE A 20 13.66 -2.18 5.20
C PHE A 20 13.70 -3.65 5.58
N ASP A 21 12.73 -4.08 6.38
CA ASP A 21 12.67 -5.46 6.83
C ASP A 21 11.65 -6.24 6.02
N ALA A 22 11.65 -7.57 6.18
CA ALA A 22 10.72 -8.44 5.47
C ALA A 22 9.28 -8.14 5.86
N ASN A 23 8.35 -8.89 5.29
CA ASN A 23 6.94 -8.71 5.57
C ASN A 23 6.56 -9.38 6.90
N THR A 24 6.26 -8.55 7.90
CA THR A 24 5.88 -9.05 9.22
C THR A 24 4.65 -8.33 9.76
N MET A 25 3.88 -9.01 10.59
CA MET A 25 2.69 -8.42 11.18
C MET A 25 3.05 -7.51 12.34
N THR A 26 2.74 -6.22 12.19
CA THR A 26 3.04 -5.25 13.23
C THR A 26 1.77 -4.57 13.73
N SER A 27 1.04 -3.96 12.81
CA SER A 27 -0.20 -3.27 13.14
C SER A 27 -1.07 -3.05 11.90
N ALA A 28 -0.58 -2.23 10.99
CA ALA A 28 -1.31 -1.95 9.75
C ALA A 28 -0.36 -1.91 8.55
N GLU A 29 -0.20 -3.05 7.89
CA GLU A 29 0.67 -3.15 6.74
C GLU A 29 -0.04 -3.82 5.56
N LYS A 30 -0.34 -5.10 5.70
CA LYS A 30 -1.02 -5.85 4.66
C LYS A 30 -0.18 -5.91 3.40
N VAL A 31 -0.76 -6.47 2.33
CA VAL A 31 -0.06 -6.58 1.05
C VAL A 31 0.05 -5.22 0.36
N LEU A 32 1.05 -5.08 -0.50
CA LEU A 32 1.26 -3.83 -1.23
C LEU A 32 0.45 -3.82 -2.52
N CYS A 33 -0.03 -2.64 -2.90
CA CYS A 33 -0.81 -2.51 -4.11
C CYS A 33 0.09 -2.84 -5.30
N GLN A 34 -0.29 -3.89 -6.02
CA GLN A 34 0.46 -4.33 -7.19
C GLN A 34 0.37 -3.32 -8.33
N PHE A 35 -0.82 -2.74 -8.48
CA PHE A 35 -1.04 -1.75 -9.53
C PHE A 35 -0.24 -0.48 -9.26
N CYS A 36 0.05 -0.25 -7.99
CA CYS A 36 0.81 0.94 -7.60
C CYS A 36 2.20 0.85 -8.24
N ASP A 37 2.82 2.02 -8.40
CA ASP A 37 4.15 2.10 -8.99
C ASP A 37 4.95 3.25 -8.39
N GLN A 38 4.61 3.61 -7.15
CA GLN A 38 5.29 4.70 -6.46
C GLN A 38 6.71 4.31 -6.10
N ASP A 39 6.88 3.09 -5.59
CA ASP A 39 8.20 2.60 -5.21
C ASP A 39 8.81 3.48 -4.13
N PRO A 40 8.48 3.19 -2.86
CA PRO A 40 7.57 2.10 -2.52
C PRO A 40 6.13 2.39 -2.94
N ALA A 41 5.36 1.33 -3.16
CA ALA A 41 3.96 1.46 -3.57
C ALA A 41 3.07 1.80 -2.38
N GLN A 42 1.77 1.92 -2.64
CA GLN A 42 0.82 2.25 -1.59
C GLN A 42 0.12 0.99 -1.08
N ASP A 43 -0.03 0.89 0.23
CA ASP A 43 -0.68 -0.26 0.85
C ASP A 43 -2.04 -0.51 0.20
N ALA A 44 -2.33 -1.79 -0.09
CA ALA A 44 -3.59 -2.16 -0.70
C ALA A 44 -4.64 -2.48 0.36
N VAL A 45 -5.58 -1.56 0.56
CA VAL A 45 -6.64 -1.74 1.53
C VAL A 45 -7.89 -2.32 0.89
N LYS A 46 -7.72 -2.96 -0.25
CA LYS A 46 -8.83 -3.56 -0.98
C LYS A 46 -8.40 -4.85 -1.67
N THR A 47 -9.38 -5.67 -2.06
CA THR A 47 -9.10 -6.93 -2.73
C THR A 47 -10.31 -7.40 -3.53
N CYS A 48 -10.25 -7.24 -4.85
CA CYS A 48 -11.34 -7.66 -5.71
C CYS A 48 -11.12 -9.12 -6.09
N VAL A 49 -11.95 -9.99 -5.52
CA VAL A 49 -11.87 -11.42 -5.79
C VAL A 49 -12.04 -11.71 -7.28
N THR A 50 -12.98 -11.00 -7.90
CA THR A 50 -13.25 -11.18 -9.32
C THR A 50 -12.02 -10.84 -10.17
N CYS A 51 -11.25 -9.86 -9.71
CA CYS A 51 -10.07 -9.45 -10.43
C CYS A 51 -8.91 -10.36 -10.01
N GLU A 52 -9.07 -10.97 -8.84
CA GLU A 52 -8.06 -11.86 -8.29
C GLU A 52 -6.77 -11.11 -8.00
N VAL A 53 -6.91 -9.86 -7.58
CA VAL A 53 -5.75 -9.02 -7.27
C VAL A 53 -6.09 -7.99 -6.20
N SER A 54 -5.13 -7.71 -5.33
CA SER A 54 -5.33 -6.74 -4.25
C SER A 54 -4.88 -5.35 -4.69
N TYR A 55 -5.75 -4.36 -4.48
CA TYR A 55 -5.44 -2.99 -4.86
C TYR A 55 -5.65 -2.04 -3.68
N CYS A 56 -5.31 -0.78 -3.87
CA CYS A 56 -5.47 0.21 -2.82
C CYS A 56 -6.73 1.03 -3.12
N ASP A 57 -6.79 2.21 -2.53
CA ASP A 57 -7.92 3.11 -2.71
C ASP A 57 -7.81 3.87 -4.03
N GLU A 58 -6.79 4.71 -4.14
CA GLU A 58 -6.57 5.49 -5.35
C GLU A 58 -6.77 4.63 -6.60
N CYS A 59 -5.97 3.58 -6.70
CA CYS A 59 -6.07 2.68 -7.85
C CYS A 59 -7.53 2.28 -8.03
N LEU A 60 -8.09 1.71 -6.95
CA LEU A 60 -9.48 1.27 -6.96
C LEU A 60 -10.40 2.38 -7.47
N LYS A 61 -9.99 3.62 -7.25
CA LYS A 61 -10.77 4.77 -7.70
C LYS A 61 -10.76 4.89 -9.22
N ALA A 62 -9.60 4.66 -9.81
CA ALA A 62 -9.46 4.74 -11.26
C ALA A 62 -9.95 3.46 -11.94
N THR A 63 -9.46 2.32 -11.48
CA THR A 63 -9.86 1.04 -12.03
C THR A 63 -11.32 0.72 -11.71
N HIS A 64 -11.70 0.92 -10.45
CA HIS A 64 -13.06 0.67 -10.03
C HIS A 64 -13.77 1.96 -9.64
N PRO A 65 -14.11 2.77 -10.64
CA PRO A 65 -14.79 4.06 -10.43
C PRO A 65 -16.23 3.88 -9.95
N ASN A 66 -16.40 3.72 -8.65
CA ASN A 66 -17.72 3.55 -8.06
C ASN A 66 -18.17 4.81 -7.34
N LYS A 67 -19.46 5.11 -7.43
CA LYS A 67 -20.03 6.28 -6.78
C LYS A 67 -20.73 5.92 -5.48
N LYS A 68 -20.35 4.76 -4.92
CA LYS A 68 -20.94 4.29 -3.67
C LYS A 68 -22.43 4.05 -3.82
N PRO A 69 -23.01 3.27 -2.89
CA PRO A 69 -22.25 2.68 -1.79
C PRO A 69 -21.29 1.59 -2.26
N PHE A 70 -21.75 0.76 -3.18
CA PHE A 70 -20.94 -0.33 -3.72
C PHE A 70 -21.51 -0.83 -5.04
N THR A 71 -21.90 0.10 -5.90
CA THR A 71 -22.47 -0.25 -7.20
C THR A 71 -21.37 -0.35 -8.26
N GLY A 72 -20.28 -1.04 -7.93
CA GLY A 72 -19.19 -1.19 -8.87
C GLY A 72 -18.77 -2.64 -9.03
N HIS A 73 -17.65 -3.00 -8.39
CA HIS A 73 -17.14 -4.37 -8.48
C HIS A 73 -17.38 -5.12 -7.17
N ARG A 74 -16.80 -6.31 -7.06
CA ARG A 74 -16.94 -7.12 -5.86
C ARG A 74 -15.68 -7.07 -5.01
N LEU A 75 -15.77 -7.60 -3.80
CA LEU A 75 -14.63 -7.61 -2.88
C LEU A 75 -14.64 -8.87 -2.01
N ILE A 76 -13.78 -8.90 -1.00
CA ILE A 76 -13.69 -10.04 -0.10
C ILE A 76 -15.06 -10.41 0.45
N GLU A 77 -15.46 -11.66 0.26
CA GLU A 77 -16.75 -12.14 0.74
C GLU A 77 -16.93 -11.83 2.22
N PRO A 78 -18.18 -11.85 2.68
CA PRO A 78 -18.52 -11.57 4.08
C PRO A 78 -18.06 -12.68 5.02
N GLN A 1 24.33 -29.11 40.85
CA GLN A 1 25.64 -29.06 41.50
C GLN A 1 26.63 -28.28 40.66
N LYS A 2 27.41 -27.42 41.32
CA LYS A 2 28.40 -26.61 40.65
C LYS A 2 27.75 -25.70 39.61
N ALA A 3 28.58 -25.03 38.81
CA ALA A 3 28.08 -24.13 37.77
C ALA A 3 27.17 -23.06 38.37
N SER A 4 27.58 -22.50 39.50
CA SER A 4 26.80 -21.47 40.18
C SER A 4 27.38 -20.09 39.91
N VAL A 5 26.54 -19.07 39.97
CA VAL A 5 26.95 -17.70 39.73
C VAL A 5 27.04 -16.91 41.04
N SER A 6 27.80 -15.81 41.01
CA SER A 6 27.96 -14.98 42.19
C SER A 6 28.52 -13.61 41.82
N GLY A 7 27.61 -12.66 41.58
CA GLY A 7 28.03 -11.32 41.21
C GLY A 7 26.90 -10.52 40.58
N PRO A 8 25.91 -10.14 41.40
CA PRO A 8 24.76 -9.37 40.94
C PRO A 8 25.13 -7.93 40.57
N ASN A 9 24.76 -7.52 39.38
CA ASN A 9 25.06 -6.17 38.90
C ASN A 9 24.04 -5.17 39.44
N SER A 10 24.42 -3.89 39.45
CA SER A 10 23.55 -2.84 39.94
C SER A 10 23.55 -1.64 39.00
N PRO A 11 22.90 -1.79 37.84
CA PRO A 11 22.81 -0.74 36.83
C PRO A 11 21.94 0.43 37.28
N SER A 12 22.54 1.39 37.98
CA SER A 12 21.81 2.55 38.47
C SER A 12 22.42 3.85 37.92
N GLU A 13 22.32 4.03 36.61
CA GLU A 13 22.86 5.22 35.97
C GLU A 13 21.74 6.23 35.66
N THR A 14 21.83 7.40 36.28
CA THR A 14 20.84 8.45 36.08
C THR A 14 21.28 9.42 34.99
N ARG A 15 20.55 9.42 33.88
CA ARG A 15 20.86 10.31 32.76
C ARG A 15 19.58 10.77 32.06
N ARG A 16 19.72 11.77 31.20
CA ARG A 16 18.57 12.31 30.46
C ARG A 16 17.93 11.22 29.61
N GLU A 17 18.74 10.31 29.11
CA GLU A 17 18.24 9.22 28.27
C GLU A 17 17.57 9.76 27.02
N ARG A 18 18.30 9.81 25.92
CA ARG A 18 17.77 10.31 24.66
C ARG A 18 17.10 9.18 23.86
N ALA A 19 15.92 9.46 23.32
CA ALA A 19 15.19 8.47 22.53
C ALA A 19 16.01 8.00 21.34
N PHE A 20 15.69 6.81 20.85
CA PHE A 20 16.40 6.24 19.71
C PHE A 20 15.48 5.35 18.88
N ASP A 21 14.82 5.95 17.89
CA ASP A 21 13.91 5.21 17.02
C ASP A 21 14.64 4.10 16.28
N ALA A 22 13.93 3.44 15.37
CA ALA A 22 14.52 2.35 14.59
C ALA A 22 13.95 2.32 13.18
N ASN A 23 14.46 1.40 12.36
CA ASN A 23 14.00 1.26 10.99
C ASN A 23 13.30 -0.08 10.78
N THR A 24 12.40 -0.12 9.80
CA THR A 24 11.65 -1.33 9.49
C THR A 24 11.80 -1.71 8.04
N MET A 25 12.48 -2.83 7.78
CA MET A 25 12.68 -3.31 6.42
C MET A 25 11.50 -4.13 5.94
N THR A 26 11.23 -4.07 4.64
CA THR A 26 10.12 -4.81 4.06
C THR A 26 10.55 -6.21 3.62
N SER A 27 9.76 -7.21 4.00
CA SER A 27 10.06 -8.59 3.65
C SER A 27 8.80 -9.32 3.17
N ALA A 28 7.90 -8.56 2.56
CA ALA A 28 6.66 -9.13 2.04
C ALA A 28 5.80 -9.69 3.17
N GLU A 29 4.96 -8.84 3.76
CA GLU A 29 4.10 -9.25 4.85
C GLU A 29 2.65 -8.82 4.59
N LYS A 30 2.42 -7.51 4.62
CA LYS A 30 1.10 -6.96 4.39
C LYS A 30 0.68 -7.13 2.93
N VAL A 31 -0.47 -6.56 2.57
CA VAL A 31 -0.97 -6.64 1.21
C VAL A 31 -0.82 -5.31 0.49
N LEU A 32 0.30 -5.13 -0.19
CA LEU A 32 0.57 -3.90 -0.92
C LEU A 32 -0.21 -3.87 -2.23
N CYS A 33 -0.35 -2.68 -2.80
CA CYS A 33 -1.07 -2.54 -4.05
C CYS A 33 -0.14 -2.89 -5.20
N GLN A 34 -0.51 -3.95 -5.92
CA GLN A 34 0.29 -4.41 -7.05
C GLN A 34 0.20 -3.45 -8.23
N PHE A 35 -0.94 -2.77 -8.34
CA PHE A 35 -1.17 -1.81 -9.41
C PHE A 35 -0.41 -0.51 -9.15
N CYS A 36 -0.09 -0.27 -7.89
CA CYS A 36 0.63 0.94 -7.52
C CYS A 36 2.01 0.89 -8.16
N ASP A 37 2.60 2.08 -8.33
CA ASP A 37 3.93 2.19 -8.93
C ASP A 37 4.68 3.38 -8.35
N GLN A 38 4.35 3.74 -7.11
CA GLN A 38 5.00 4.86 -6.44
C GLN A 38 6.44 4.53 -6.10
N ASP A 39 6.66 3.34 -5.54
CA ASP A 39 8.00 2.91 -5.16
C ASP A 39 8.60 3.84 -4.12
N PRO A 40 8.29 3.58 -2.84
CA PRO A 40 7.43 2.46 -2.44
C PRO A 40 5.98 2.68 -2.85
N ALA A 41 5.24 1.59 -3.03
CA ALA A 41 3.83 1.67 -3.41
C ALA A 41 2.95 1.98 -2.21
N GLN A 42 1.65 2.14 -2.46
CA GLN A 42 0.70 2.43 -1.40
C GLN A 42 0.17 1.16 -0.77
N ASP A 43 -0.52 1.30 0.35
CA ASP A 43 -1.08 0.15 1.06
C ASP A 43 -2.48 -0.16 0.53
N ALA A 44 -2.69 -1.42 0.15
CA ALA A 44 -3.97 -1.87 -0.37
C ALA A 44 -4.88 -2.38 0.76
N VAL A 45 -6.15 -2.03 0.70
CA VAL A 45 -7.11 -2.46 1.70
C VAL A 45 -8.40 -2.95 1.06
N LYS A 46 -8.37 -3.14 -0.25
CA LYS A 46 -9.54 -3.61 -0.98
C LYS A 46 -9.12 -4.52 -2.14
N THR A 47 -9.38 -5.82 -2.00
CA THR A 47 -9.04 -6.78 -3.03
C THR A 47 -10.28 -7.25 -3.77
N CYS A 48 -10.32 -6.99 -5.07
CA CYS A 48 -11.46 -7.40 -5.88
C CYS A 48 -11.31 -8.88 -6.22
N VAL A 49 -12.14 -9.69 -5.58
CA VAL A 49 -12.11 -11.14 -5.80
C VAL A 49 -12.28 -11.48 -7.28
N THR A 50 -13.20 -10.77 -7.94
CA THR A 50 -13.46 -11.00 -9.35
C THR A 50 -12.21 -10.73 -10.19
N CYS A 51 -11.41 -9.77 -9.75
CA CYS A 51 -10.19 -9.43 -10.47
C CYS A 51 -9.07 -10.35 -9.98
N GLU A 52 -9.30 -10.94 -8.81
CA GLU A 52 -8.32 -11.84 -8.21
C GLU A 52 -7.00 -11.13 -7.92
N VAL A 53 -7.10 -9.87 -7.52
CA VAL A 53 -5.93 -9.06 -7.21
C VAL A 53 -6.23 -8.02 -6.15
N SER A 54 -5.26 -7.74 -5.29
CA SER A 54 -5.42 -6.76 -4.23
C SER A 54 -5.02 -5.37 -4.70
N TYR A 55 -5.89 -4.40 -4.48
CA TYR A 55 -5.62 -3.02 -4.89
C TYR A 55 -5.88 -2.05 -3.74
N CYS A 56 -5.57 -0.79 -3.96
CA CYS A 56 -5.77 0.22 -2.93
C CYS A 56 -7.01 1.04 -3.30
N ASP A 57 -7.09 2.23 -2.71
CA ASP A 57 -8.21 3.13 -2.97
C ASP A 57 -8.02 3.88 -4.28
N GLU A 58 -6.99 4.72 -4.33
CA GLU A 58 -6.69 5.51 -5.52
C GLU A 58 -6.85 4.66 -6.77
N CYS A 59 -6.07 3.59 -6.86
CA CYS A 59 -6.14 2.71 -8.01
C CYS A 59 -7.60 2.31 -8.25
N LEU A 60 -8.20 1.76 -7.20
CA LEU A 60 -9.60 1.33 -7.26
C LEU A 60 -10.49 2.45 -7.80
N LYS A 61 -10.06 3.69 -7.59
CA LYS A 61 -10.81 4.85 -8.06
C LYS A 61 -10.74 4.97 -9.58
N ALA A 62 -9.55 4.71 -10.13
CA ALA A 62 -9.36 4.78 -11.57
C ALA A 62 -9.84 3.52 -12.26
N THR A 63 -9.39 2.37 -11.76
CA THR A 63 -9.79 1.09 -12.34
C THR A 63 -11.26 0.80 -12.08
N HIS A 64 -11.69 1.02 -10.84
CA HIS A 64 -13.08 0.77 -10.45
C HIS A 64 -13.77 2.08 -10.10
N PRO A 65 -14.06 2.90 -11.12
CA PRO A 65 -14.72 4.20 -10.94
C PRO A 65 -16.19 4.05 -10.52
N ASN A 66 -16.48 4.42 -9.28
CA ASN A 66 -17.85 4.33 -8.76
C ASN A 66 -18.14 5.47 -7.80
N LYS A 67 -19.32 5.43 -7.19
CA LYS A 67 -19.73 6.46 -6.25
C LYS A 67 -19.66 5.95 -4.81
N LYS A 68 -19.06 4.78 -4.63
CA LYS A 68 -18.92 4.18 -3.31
C LYS A 68 -20.30 3.86 -2.71
N PRO A 69 -20.31 2.98 -1.71
CA PRO A 69 -19.10 2.34 -1.19
C PRO A 69 -18.50 1.35 -2.18
N PHE A 70 -19.36 0.51 -2.75
CA PHE A 70 -18.92 -0.49 -3.72
C PHE A 70 -20.10 -1.01 -4.54
N THR A 71 -20.67 -0.13 -5.36
CA THR A 71 -21.80 -0.50 -6.20
C THR A 71 -21.35 -0.88 -7.60
N GLY A 72 -20.24 -1.61 -7.69
CA GLY A 72 -19.73 -2.03 -8.98
C GLY A 72 -19.19 -3.45 -8.94
N HIS A 73 -17.87 -3.59 -8.88
CA HIS A 73 -17.24 -4.90 -8.85
C HIS A 73 -17.49 -5.59 -7.52
N ARG A 74 -16.87 -6.75 -7.34
CA ARG A 74 -17.02 -7.52 -6.10
C ARG A 74 -15.79 -7.38 -5.22
N LEU A 75 -15.87 -7.94 -4.01
CA LEU A 75 -14.76 -7.87 -3.07
C LEU A 75 -14.68 -9.15 -2.24
N ILE A 76 -13.85 -9.13 -1.20
CA ILE A 76 -13.68 -10.29 -0.34
C ILE A 76 -14.97 -10.62 0.40
N GLU A 77 -15.21 -11.90 0.62
CA GLU A 77 -16.41 -12.35 1.30
C GLU A 77 -16.42 -11.89 2.76
N PRO A 78 -17.60 -11.88 3.37
CA PRO A 78 -17.78 -11.45 4.77
C PRO A 78 -17.17 -12.45 5.75
N GLN A 1 -31.50 4.09 70.04
CA GLN A 1 -31.19 2.84 69.37
C GLN A 1 -30.45 3.10 68.07
N LYS A 2 -29.13 2.90 68.09
CA LYS A 2 -28.30 3.11 66.92
C LYS A 2 -27.24 2.01 66.79
N ALA A 3 -26.78 1.78 65.57
CA ALA A 3 -25.77 0.76 65.32
C ALA A 3 -25.03 1.03 64.01
N SER A 4 -24.03 0.21 63.71
CA SER A 4 -23.24 0.36 62.50
C SER A 4 -23.77 -0.55 61.39
N VAL A 5 -23.38 -0.24 60.15
CA VAL A 5 -23.81 -1.03 59.01
C VAL A 5 -22.62 -1.65 58.28
N SER A 6 -22.91 -2.54 57.34
CA SER A 6 -21.87 -3.22 56.59
C SER A 6 -21.22 -2.27 55.58
N GLY A 7 -20.20 -2.76 54.88
CA GLY A 7 -19.52 -1.95 53.90
C GLY A 7 -19.35 -2.65 52.57
N PRO A 8 -18.86 -1.92 51.56
CA PRO A 8 -18.64 -2.48 50.22
C PRO A 8 -17.50 -3.48 50.18
N ASN A 9 -17.70 -4.58 49.47
CA ASN A 9 -16.69 -5.63 49.36
C ASN A 9 -15.54 -5.17 48.46
N SER A 10 -14.34 -5.14 49.02
CA SER A 10 -13.15 -4.71 48.28
C SER A 10 -12.96 -5.58 47.04
N PRO A 11 -12.17 -5.07 46.09
CA PRO A 11 -11.88 -5.78 44.83
C PRO A 11 -10.99 -6.99 45.06
N SER A 12 -10.80 -7.78 44.00
CA SER A 12 -9.97 -8.98 44.08
C SER A 12 -8.56 -8.69 43.58
N GLU A 13 -8.42 -8.48 42.28
CA GLU A 13 -7.12 -8.19 41.68
C GLU A 13 -7.27 -7.81 40.21
N THR A 14 -6.17 -7.39 39.59
CA THR A 14 -6.17 -7.00 38.20
C THR A 14 -5.36 -7.97 37.34
N ARG A 15 -5.82 -8.20 36.11
CA ARG A 15 -5.13 -9.10 35.21
C ARG A 15 -4.16 -8.34 34.31
N ARG A 16 -3.06 -8.99 33.94
CA ARG A 16 -2.06 -8.39 33.08
C ARG A 16 -1.70 -9.30 31.92
N GLU A 17 -1.08 -8.72 30.89
CA GLU A 17 -0.69 -9.49 29.71
C GLU A 17 0.47 -8.81 28.99
N ARG A 18 1.06 -9.52 28.04
CA ARG A 18 2.18 -9.00 27.27
C ARG A 18 2.60 -9.98 26.17
N ALA A 19 3.06 -9.43 25.04
CA ALA A 19 3.49 -10.26 23.92
C ALA A 19 4.71 -9.64 23.23
N PHE A 20 4.50 -8.51 22.58
CA PHE A 20 5.58 -7.81 21.87
C PHE A 20 6.30 -8.77 20.93
N ASP A 21 5.60 -9.19 19.87
CA ASP A 21 6.18 -10.10 18.89
C ASP A 21 6.50 -9.37 17.59
N ALA A 22 7.09 -10.09 16.65
CA ALA A 22 7.46 -9.50 15.37
C ALA A 22 8.50 -8.40 15.54
N ASN A 23 9.16 -8.04 14.44
CA ASN A 23 10.19 -6.99 14.47
C ASN A 23 10.70 -6.70 13.07
N THR A 24 9.80 -6.21 12.22
CA THR A 24 10.16 -5.88 10.84
C THR A 24 10.60 -7.12 10.07
N MET A 25 10.52 -7.05 8.75
CA MET A 25 10.91 -8.17 7.89
C MET A 25 10.97 -7.74 6.43
N THR A 26 11.36 -8.67 5.57
CA THR A 26 11.47 -8.39 4.13
C THR A 26 10.19 -8.80 3.41
N SER A 27 10.21 -8.65 2.09
CA SER A 27 9.06 -9.01 1.27
C SER A 27 7.81 -8.26 1.73
N ALA A 28 8.01 -7.09 2.32
CA ALA A 28 6.91 -6.28 2.81
C ALA A 28 6.13 -7.01 3.90
N GLU A 29 5.14 -6.34 4.47
CA GLU A 29 4.32 -6.92 5.53
C GLU A 29 2.84 -6.95 5.12
N LYS A 30 2.24 -5.77 5.02
CA LYS A 30 0.84 -5.66 4.65
C LYS A 30 0.65 -5.93 3.16
N VAL A 31 -0.60 -6.05 2.74
CA VAL A 31 -0.92 -6.30 1.33
C VAL A 31 -0.67 -5.06 0.49
N LEU A 32 0.51 -4.99 -0.11
CA LEU A 32 0.87 -3.86 -0.96
C LEU A 32 0.07 -3.86 -2.25
N CYS A 33 -0.21 -2.68 -2.77
CA CYS A 33 -0.98 -2.56 -4.00
C CYS A 33 -0.07 -2.96 -5.16
N GLN A 34 -0.47 -4.01 -5.86
CA GLN A 34 0.29 -4.52 -6.99
C GLN A 34 0.18 -3.58 -8.19
N PHE A 35 -0.98 -2.94 -8.32
CA PHE A 35 -1.22 -2.01 -9.42
C PHE A 35 -0.43 -0.71 -9.21
N CYS A 36 -0.08 -0.44 -7.95
CA CYS A 36 0.66 0.76 -7.64
C CYS A 36 2.03 0.68 -8.30
N ASP A 37 2.64 1.85 -8.51
CA ASP A 37 3.95 1.93 -9.14
C ASP A 37 4.71 3.16 -8.65
N GLN A 38 4.38 3.60 -7.44
CA GLN A 38 5.04 4.78 -6.85
C GLN A 38 6.48 4.47 -6.50
N ASP A 39 6.69 3.33 -5.83
CA ASP A 39 8.04 2.93 -5.43
C ASP A 39 8.64 3.93 -4.45
N PRO A 40 8.35 3.75 -3.15
CA PRO A 40 7.49 2.66 -2.68
C PRO A 40 6.03 2.84 -3.10
N ALA A 41 5.29 1.74 -3.14
CA ALA A 41 3.88 1.79 -3.51
C ALA A 41 3.01 2.18 -2.33
N GLN A 42 1.69 2.22 -2.55
CA GLN A 42 0.75 2.57 -1.50
C GLN A 42 0.02 1.34 -0.97
N ASP A 43 -0.08 1.22 0.34
CA ASP A 43 -0.76 0.09 0.96
C ASP A 43 -2.17 -0.08 0.39
N ALA A 44 -2.53 -1.32 0.11
CA ALA A 44 -3.84 -1.62 -0.44
C ALA A 44 -4.84 -1.98 0.66
N VAL A 45 -6.03 -1.40 0.60
CA VAL A 45 -7.06 -1.65 1.59
C VAL A 45 -8.31 -2.23 0.94
N LYS A 46 -8.14 -2.85 -0.22
CA LYS A 46 -9.26 -3.45 -0.94
C LYS A 46 -8.84 -4.75 -1.61
N THR A 47 -9.82 -5.55 -2.02
CA THR A 47 -9.56 -6.83 -2.66
C THR A 47 -10.75 -7.28 -3.50
N CYS A 48 -10.64 -7.15 -4.81
CA CYS A 48 -11.71 -7.55 -5.70
C CYS A 48 -11.53 -9.03 -6.04
N VAL A 49 -12.49 -9.83 -5.58
CA VAL A 49 -12.47 -11.27 -5.83
C VAL A 49 -12.60 -11.58 -7.31
N THR A 50 -13.40 -10.79 -8.01
CA THR A 50 -13.61 -10.98 -9.44
C THR A 50 -12.33 -10.68 -10.23
N CYS A 51 -11.55 -9.73 -9.74
CA CYS A 51 -10.32 -9.36 -10.41
C CYS A 51 -9.21 -10.30 -9.93
N GLU A 52 -9.44 -10.89 -8.75
CA GLU A 52 -8.48 -11.81 -8.16
C GLU A 52 -7.17 -11.09 -7.81
N VAL A 53 -7.28 -9.83 -7.44
CA VAL A 53 -6.11 -9.03 -7.09
C VAL A 53 -6.47 -7.96 -6.07
N SER A 54 -5.54 -7.67 -5.16
CA SER A 54 -5.75 -6.67 -4.13
C SER A 54 -5.23 -5.31 -4.58
N TYR A 55 -6.08 -4.29 -4.45
CA TYR A 55 -5.71 -2.94 -4.86
C TYR A 55 -5.93 -1.95 -3.71
N CYS A 56 -5.54 -0.70 -3.93
CA CYS A 56 -5.69 0.31 -2.91
C CYS A 56 -6.91 1.17 -3.26
N ASP A 57 -6.94 2.37 -2.70
CA ASP A 57 -8.03 3.30 -2.95
C ASP A 57 -7.86 4.00 -4.29
N GLU A 58 -6.81 4.80 -4.41
CA GLU A 58 -6.54 5.53 -5.65
C GLU A 58 -6.74 4.63 -6.86
N CYS A 59 -5.99 3.54 -6.92
CA CYS A 59 -6.09 2.61 -8.03
C CYS A 59 -7.57 2.25 -8.21
N LEU A 60 -8.16 1.76 -7.14
CA LEU A 60 -9.57 1.37 -7.16
C LEU A 60 -10.44 2.48 -7.72
N LYS A 61 -9.98 3.72 -7.55
CA LYS A 61 -10.72 4.88 -8.04
C LYS A 61 -10.67 4.94 -9.57
N ALA A 62 -9.51 4.64 -10.13
CA ALA A 62 -9.34 4.66 -11.58
C ALA A 62 -9.87 3.38 -12.21
N THR A 63 -9.44 2.24 -11.70
CA THR A 63 -9.87 0.94 -12.21
C THR A 63 -11.35 0.70 -11.91
N HIS A 64 -11.75 0.97 -10.67
CA HIS A 64 -13.14 0.78 -10.26
C HIS A 64 -13.79 2.12 -9.94
N PRO A 65 -14.09 2.91 -10.99
CA PRO A 65 -14.72 4.22 -10.84
C PRO A 65 -16.17 4.12 -10.38
N ASN A 66 -16.43 4.55 -9.15
CA ASN A 66 -17.78 4.51 -8.60
C ASN A 66 -17.80 5.05 -7.17
N LYS A 67 -18.96 4.95 -6.52
CA LYS A 67 -19.11 5.43 -5.16
C LYS A 67 -20.01 4.49 -4.36
N LYS A 68 -19.43 3.40 -3.86
CA LYS A 68 -20.17 2.44 -3.07
C LYS A 68 -21.28 1.80 -3.90
N PRO A 69 -21.78 0.64 -3.43
CA PRO A 69 -21.29 0.00 -2.21
C PRO A 69 -19.87 -0.54 -2.36
N PHE A 70 -19.61 -1.17 -3.50
CA PHE A 70 -18.29 -1.73 -3.78
C PHE A 70 -17.70 -1.15 -5.05
N THR A 71 -17.75 0.17 -5.17
CA THR A 71 -17.23 0.86 -6.35
C THR A 71 -17.71 0.20 -7.63
N GLY A 72 -18.94 -0.32 -7.60
CA GLY A 72 -19.50 -0.97 -8.77
C GLY A 72 -19.15 -2.44 -8.84
N HIS A 73 -17.87 -2.75 -8.66
CA HIS A 73 -17.39 -4.13 -8.72
C HIS A 73 -17.71 -4.86 -7.41
N ARG A 74 -17.13 -6.04 -7.25
CA ARG A 74 -17.34 -6.84 -6.05
C ARG A 74 -16.15 -6.75 -5.11
N LEU A 75 -16.14 -7.58 -4.07
CA LEU A 75 -15.05 -7.58 -3.10
C LEU A 75 -15.15 -8.80 -2.18
N ILE A 76 -14.35 -8.81 -1.13
CA ILE A 76 -14.34 -9.90 -0.17
C ILE A 76 -15.75 -10.19 0.34
N GLU A 77 -16.14 -11.46 0.30
CA GLU A 77 -17.47 -11.86 0.76
C GLU A 77 -17.73 -11.33 2.17
N PRO A 78 -19.02 -11.28 2.54
CA PRO A 78 -19.45 -10.80 3.85
C PRO A 78 -19.06 -11.75 4.97
N GLN A 1 -25.43 -55.20 -54.14
CA GLN A 1 -24.24 -54.75 -54.84
C GLN A 1 -23.74 -53.42 -54.25
N LYS A 2 -23.20 -53.49 -53.04
CA LYS A 2 -22.68 -52.31 -52.37
C LYS A 2 -21.47 -52.65 -51.50
N ALA A 3 -20.34 -52.05 -51.81
CA ALA A 3 -19.11 -52.29 -51.05
C ALA A 3 -18.97 -51.30 -49.90
N SER A 4 -18.66 -51.82 -48.71
CA SER A 4 -18.50 -50.99 -47.52
C SER A 4 -17.10 -50.39 -47.46
N VAL A 5 -16.89 -49.51 -46.49
CA VAL A 5 -15.58 -48.87 -46.32
C VAL A 5 -14.97 -49.24 -44.97
N SER A 6 -13.70 -49.64 -45.00
CA SER A 6 -13.00 -50.01 -43.77
C SER A 6 -11.57 -49.50 -43.79
N GLY A 7 -11.01 -49.26 -42.60
CA GLY A 7 -9.64 -48.77 -42.50
C GLY A 7 -9.50 -47.71 -41.44
N PRO A 8 -9.50 -48.13 -40.16
CA PRO A 8 -9.36 -47.22 -39.03
C PRO A 8 -7.97 -46.62 -38.92
N ASN A 9 -7.89 -45.28 -38.90
CA ASN A 9 -6.61 -44.59 -38.80
C ASN A 9 -5.98 -44.80 -37.44
N SER A 10 -4.89 -44.08 -37.18
CA SER A 10 -4.19 -44.19 -35.91
C SER A 10 -4.78 -43.24 -34.87
N PRO A 11 -4.50 -43.52 -33.59
CA PRO A 11 -5.00 -42.70 -32.48
C PRO A 11 -4.33 -41.33 -32.42
N SER A 12 -4.79 -40.49 -31.49
CA SER A 12 -4.23 -39.15 -31.34
C SER A 12 -3.99 -38.83 -29.87
N GLU A 13 -2.75 -38.98 -29.43
CA GLU A 13 -2.40 -38.71 -28.04
C GLU A 13 -1.79 -37.31 -27.90
N THR A 14 -2.63 -36.35 -27.53
CA THR A 14 -2.17 -34.97 -27.36
C THR A 14 -0.97 -34.90 -26.43
N ARG A 15 -0.01 -34.03 -26.77
CA ARG A 15 1.18 -33.87 -25.96
C ARG A 15 0.93 -32.94 -24.78
N ARG A 16 1.23 -33.41 -23.58
CA ARG A 16 1.03 -32.62 -22.37
C ARG A 16 2.23 -31.71 -22.10
N GLU A 17 2.17 -30.97 -21.00
CA GLU A 17 3.25 -30.06 -20.65
C GLU A 17 3.38 -29.94 -19.13
N ARG A 18 4.54 -30.32 -18.61
CA ARG A 18 4.79 -30.27 -17.17
C ARG A 18 6.13 -29.60 -16.88
N ALA A 19 6.24 -28.98 -15.71
CA ALA A 19 7.46 -28.31 -15.31
C ALA A 19 7.82 -28.63 -13.86
N PHE A 20 9.11 -28.58 -13.55
CA PHE A 20 9.57 -28.86 -12.19
C PHE A 20 9.48 -27.61 -11.31
N ASP A 21 9.92 -27.75 -10.06
CA ASP A 21 9.89 -26.64 -9.12
C ASP A 21 11.26 -26.41 -8.51
N ALA A 22 11.44 -25.24 -7.89
CA ALA A 22 12.71 -24.90 -7.26
C ALA A 22 12.50 -24.10 -5.98
N ASN A 23 13.58 -23.56 -5.42
CA ASN A 23 13.50 -22.79 -4.20
C ASN A 23 12.60 -21.56 -4.39
N THR A 24 11.36 -21.67 -3.90
CA THR A 24 10.41 -20.57 -4.02
C THR A 24 10.85 -19.37 -3.20
N MET A 25 10.83 -18.19 -3.83
CA MET A 25 11.23 -16.96 -3.14
C MET A 25 10.42 -16.77 -1.86
N THR A 26 10.96 -15.96 -0.96
CA THR A 26 10.29 -15.68 0.31
C THR A 26 8.87 -15.15 0.09
N SER A 27 7.92 -15.66 0.87
CA SER A 27 6.54 -15.23 0.75
C SER A 27 6.40 -13.74 1.02
N ALA A 28 5.16 -13.26 1.08
CA ALA A 28 4.90 -11.85 1.32
C ALA A 28 4.25 -11.64 2.69
N GLU A 29 4.51 -10.49 3.29
CA GLU A 29 3.95 -10.17 4.60
C GLU A 29 2.69 -9.31 4.46
N LYS A 30 2.88 -8.07 4.01
CA LYS A 30 1.75 -7.16 3.83
C LYS A 30 1.27 -7.17 2.38
N VAL A 31 0.06 -6.66 2.16
CA VAL A 31 -0.52 -6.61 0.82
C VAL A 31 -0.37 -5.22 0.21
N LEU A 32 0.59 -5.07 -0.70
CA LEU A 32 0.83 -3.79 -1.35
C LEU A 32 0.12 -3.74 -2.70
N CYS A 33 -0.39 -2.55 -3.03
CA CYS A 33 -1.09 -2.37 -4.30
C CYS A 33 -0.13 -2.75 -5.43
N GLN A 34 -0.52 -3.78 -6.18
CA GLN A 34 0.28 -4.25 -7.30
C GLN A 34 0.22 -3.27 -8.47
N PHE A 35 -0.89 -2.53 -8.57
CA PHE A 35 -1.07 -1.57 -9.64
C PHE A 35 -0.28 -0.29 -9.36
N CYS A 36 0.05 -0.07 -8.09
CA CYS A 36 0.80 1.10 -7.70
C CYS A 36 2.21 1.00 -8.29
N ASP A 37 2.84 2.16 -8.45
CA ASP A 37 4.18 2.22 -9.00
C ASP A 37 5.02 3.25 -8.25
N GLN A 38 4.67 3.51 -7.00
CA GLN A 38 5.40 4.47 -6.19
C GLN A 38 6.79 3.96 -5.83
N ASP A 39 6.85 2.73 -5.34
CA ASP A 39 8.12 2.12 -4.97
C ASP A 39 8.77 2.89 -3.81
N PRO A 40 8.39 2.55 -2.58
CA PRO A 40 7.40 1.49 -2.32
C PRO A 40 6.00 1.90 -2.75
N ALA A 41 5.16 0.91 -3.05
CA ALA A 41 3.79 1.17 -3.47
C ALA A 41 2.94 1.62 -2.30
N GLN A 42 1.66 1.89 -2.57
CA GLN A 42 0.74 2.34 -1.54
C GLN A 42 0.00 1.15 -0.92
N ASP A 43 -0.20 1.20 0.39
CA ASP A 43 -0.89 0.13 1.10
C ASP A 43 -2.22 -0.18 0.44
N ALA A 44 -2.47 -1.47 0.19
CA ALA A 44 -3.72 -1.90 -0.43
C ALA A 44 -4.72 -2.37 0.62
N VAL A 45 -5.90 -1.75 0.62
CA VAL A 45 -6.95 -2.10 1.57
C VAL A 45 -8.22 -2.52 0.85
N LYS A 46 -8.10 -2.80 -0.45
CA LYS A 46 -9.25 -3.21 -1.25
C LYS A 46 -8.82 -4.22 -2.30
N THR A 47 -9.26 -5.47 -2.12
CA THR A 47 -8.94 -6.53 -3.06
C THR A 47 -10.18 -7.04 -3.78
N CYS A 48 -10.11 -7.10 -5.11
CA CYS A 48 -11.23 -7.58 -5.89
C CYS A 48 -11.20 -9.10 -5.91
N VAL A 49 -12.39 -9.69 -5.89
CA VAL A 49 -12.53 -11.14 -5.92
C VAL A 49 -12.64 -11.66 -7.35
N THR A 50 -13.33 -10.91 -8.20
CA THR A 50 -13.51 -11.29 -9.59
C THR A 50 -12.24 -11.05 -10.39
N CYS A 51 -11.49 -10.02 -10.01
CA CYS A 51 -10.26 -9.70 -10.70
C CYS A 51 -9.13 -10.51 -10.08
N GLU A 52 -9.35 -10.93 -8.84
CA GLU A 52 -8.37 -11.73 -8.11
C GLU A 52 -7.06 -10.95 -7.94
N VAL A 53 -7.17 -9.70 -7.50
CA VAL A 53 -5.99 -8.86 -7.29
C VAL A 53 -6.24 -7.83 -6.20
N SER A 54 -5.18 -7.52 -5.45
CA SER A 54 -5.28 -6.55 -4.36
C SER A 54 -4.87 -5.15 -4.84
N TYR A 55 -5.72 -4.17 -4.56
CA TYR A 55 -5.45 -2.80 -4.96
C TYR A 55 -5.65 -1.84 -3.79
N CYS A 56 -5.33 -0.58 -4.01
CA CYS A 56 -5.48 0.42 -2.96
C CYS A 56 -6.77 1.20 -3.23
N ASP A 57 -6.84 2.39 -2.64
CA ASP A 57 -8.01 3.26 -2.80
C ASP A 57 -7.95 4.00 -4.13
N GLU A 58 -6.96 4.87 -4.28
CA GLU A 58 -6.80 5.64 -5.50
C GLU A 58 -6.94 4.75 -6.73
N CYS A 59 -6.06 3.77 -6.84
CA CYS A 59 -6.10 2.85 -7.97
C CYS A 59 -7.54 2.37 -8.14
N LEU A 60 -8.05 1.74 -7.09
CA LEU A 60 -9.41 1.21 -7.10
C LEU A 60 -10.40 2.26 -7.61
N LYS A 61 -10.08 3.53 -7.35
CA LYS A 61 -10.94 4.62 -7.79
C LYS A 61 -10.89 4.79 -9.30
N ALA A 62 -9.70 4.69 -9.87
CA ALA A 62 -9.52 4.81 -11.30
C ALA A 62 -9.95 3.55 -12.03
N THR A 63 -9.39 2.41 -11.61
CA THR A 63 -9.72 1.13 -12.23
C THR A 63 -11.17 0.74 -11.95
N HIS A 64 -11.56 0.85 -10.69
CA HIS A 64 -12.93 0.51 -10.29
C HIS A 64 -13.69 1.75 -9.83
N PRO A 65 -14.08 2.60 -10.80
CA PRO A 65 -14.82 3.83 -10.53
C PRO A 65 -16.25 3.56 -10.05
N ASN A 66 -16.88 4.58 -9.49
CA ASN A 66 -18.24 4.45 -8.99
C ASN A 66 -18.30 3.45 -7.84
N LYS A 67 -18.51 3.96 -6.63
CA LYS A 67 -18.60 3.11 -5.45
C LYS A 67 -19.43 3.78 -4.36
N LYS A 68 -20.62 3.25 -4.12
CA LYS A 68 -21.52 3.80 -3.10
C LYS A 68 -22.79 2.96 -2.99
N PRO A 69 -22.73 1.88 -2.19
CA PRO A 69 -21.52 1.51 -1.45
C PRO A 69 -20.41 1.01 -2.37
N PHE A 70 -20.77 0.09 -3.26
CA PHE A 70 -19.80 -0.48 -4.21
C PHE A 70 -20.48 -0.88 -5.51
N THR A 71 -21.09 0.09 -6.19
CA THR A 71 -21.77 -0.16 -7.45
C THR A 71 -20.80 -0.63 -8.52
N GLY A 72 -19.51 -0.42 -8.28
CA GLY A 72 -18.50 -0.82 -9.24
C GLY A 72 -18.20 -2.31 -9.16
N HIS A 73 -17.14 -2.66 -8.43
CA HIS A 73 -16.75 -4.05 -8.28
C HIS A 73 -16.99 -4.53 -6.84
N ARG A 74 -16.77 -5.82 -6.61
CA ARG A 74 -16.96 -6.40 -5.29
C ARG A 74 -15.67 -6.40 -4.49
N LEU A 75 -15.68 -7.09 -3.36
CA LEU A 75 -14.50 -7.16 -2.50
C LEU A 75 -14.51 -8.44 -1.67
N ILE A 76 -13.59 -8.53 -0.71
CA ILE A 76 -13.50 -9.70 0.15
C ILE A 76 -14.82 -9.96 0.87
N GLU A 77 -15.33 -11.18 0.74
CA GLU A 77 -16.59 -11.56 1.38
C GLU A 77 -16.54 -11.25 2.88
N PRO A 78 -17.73 -11.17 3.50
CA PRO A 78 -17.86 -10.87 4.93
C PRO A 78 -17.39 -12.02 5.80
N GLN A 1 42.44 41.82 -41.12
CA GLN A 1 42.56 40.52 -41.77
C GLN A 1 42.26 39.39 -40.79
N LYS A 2 41.00 38.98 -40.73
CA LYS A 2 40.58 37.91 -39.83
C LYS A 2 39.54 37.01 -40.51
N ALA A 3 39.74 35.70 -40.39
CA ALA A 3 38.83 34.74 -40.99
C ALA A 3 38.73 33.48 -40.13
N SER A 4 37.56 32.84 -40.16
CA SER A 4 37.33 31.62 -39.39
C SER A 4 35.97 31.02 -39.71
N VAL A 5 35.80 29.74 -39.38
CA VAL A 5 34.54 29.05 -39.64
C VAL A 5 33.69 28.99 -38.39
N SER A 6 32.38 28.78 -38.58
CA SER A 6 31.44 28.71 -37.46
C SER A 6 30.20 27.91 -37.85
N GLY A 7 29.29 27.75 -36.90
CA GLY A 7 28.07 27.02 -37.15
C GLY A 7 28.33 25.55 -37.41
N PRO A 8 28.73 24.81 -36.37
CA PRO A 8 29.03 23.38 -36.47
C PRO A 8 27.77 22.54 -36.70
N ASN A 9 27.44 22.32 -37.96
CA ASN A 9 26.26 21.53 -38.32
C ASN A 9 26.36 20.11 -37.75
N SER A 10 25.55 19.84 -36.73
CA SER A 10 25.55 18.52 -36.10
C SER A 10 24.25 18.29 -35.34
N PRO A 11 23.15 18.11 -36.09
CA PRO A 11 21.82 17.88 -35.51
C PRO A 11 21.72 16.51 -34.85
N SER A 12 21.24 16.48 -33.61
CA SER A 12 21.10 15.23 -32.87
C SER A 12 20.01 14.35 -33.50
N GLU A 13 20.37 13.12 -33.81
CA GLU A 13 19.43 12.18 -34.43
C GLU A 13 19.21 10.97 -33.53
N THR A 14 18.36 11.14 -32.51
CA THR A 14 18.06 10.06 -31.58
C THR A 14 16.56 9.90 -31.39
N ARG A 15 16.14 8.69 -31.02
CA ARG A 15 14.72 8.40 -30.81
C ARG A 15 14.55 7.11 -30.03
N ARG A 16 14.48 7.23 -28.70
CA ARG A 16 14.32 6.06 -27.84
C ARG A 16 13.63 6.45 -26.54
N GLU A 17 12.31 6.29 -26.50
CA GLU A 17 11.53 6.62 -25.31
C GLU A 17 10.77 5.40 -24.80
N ARG A 18 11.38 4.71 -23.84
CA ARG A 18 10.76 3.51 -23.26
C ARG A 18 10.65 3.64 -21.75
N ALA A 19 9.47 4.01 -21.27
CA ALA A 19 9.23 4.17 -19.85
C ALA A 19 8.27 3.11 -19.32
N PHE A 20 8.82 2.00 -18.85
CA PHE A 20 8.01 0.91 -18.33
C PHE A 20 8.54 0.42 -16.99
N ASP A 21 7.78 -0.45 -16.33
CA ASP A 21 8.18 -0.98 -15.03
C ASP A 21 8.09 -2.51 -15.03
N ALA A 22 8.74 -3.13 -14.05
CA ALA A 22 8.73 -4.59 -13.93
C ALA A 22 8.13 -5.03 -12.60
N ASN A 23 7.43 -6.16 -12.62
CA ASN A 23 6.81 -6.68 -11.41
C ASN A 23 7.82 -7.44 -10.56
N THR A 24 8.53 -8.37 -11.19
CA THR A 24 9.53 -9.16 -10.49
C THR A 24 8.92 -9.91 -9.31
N MET A 25 9.75 -10.66 -8.59
CA MET A 25 9.28 -11.41 -7.43
C MET A 25 9.16 -10.52 -6.21
N THR A 26 8.00 -10.55 -5.57
CA THR A 26 7.75 -9.74 -4.38
C THR A 26 8.27 -10.42 -3.12
N SER A 27 9.26 -9.81 -2.48
CA SER A 27 9.84 -10.36 -1.26
C SER A 27 9.30 -9.66 -0.02
N ALA A 28 8.09 -10.04 0.37
CA ALA A 28 7.45 -9.45 1.54
C ALA A 28 6.13 -10.16 1.86
N GLU A 29 5.60 -9.88 3.05
CA GLU A 29 4.34 -10.49 3.48
C GLU A 29 3.21 -9.46 3.45
N LYS A 30 3.55 -8.21 3.69
CA LYS A 30 2.57 -7.13 3.71
C LYS A 30 1.77 -7.11 2.41
N VAL A 31 0.59 -6.50 2.44
CA VAL A 31 -0.25 -6.40 1.26
C VAL A 31 0.01 -5.10 0.50
N LEU A 32 0.92 -5.17 -0.46
CA LEU A 32 1.26 -4.00 -1.26
C LEU A 32 0.42 -3.95 -2.54
N CYS A 33 0.04 -2.74 -2.94
CA CYS A 33 -0.76 -2.56 -4.13
C CYS A 33 0.10 -2.92 -5.35
N GLN A 34 -0.33 -3.97 -6.05
CA GLN A 34 0.38 -4.43 -7.23
C GLN A 34 0.24 -3.44 -8.39
N PHE A 35 -0.92 -2.77 -8.44
CA PHE A 35 -1.17 -1.79 -9.49
C PHE A 35 -0.38 -0.51 -9.25
N CYS A 36 0.01 -0.28 -8.00
CA CYS A 36 0.77 0.90 -7.67
C CYS A 36 2.11 0.83 -8.40
N ASP A 37 2.71 2.00 -8.58
CA ASP A 37 4.00 2.10 -9.27
C ASP A 37 4.85 3.22 -8.65
N GLN A 38 4.60 3.53 -7.39
CA GLN A 38 5.33 4.57 -6.70
C GLN A 38 6.78 4.14 -6.44
N ASP A 39 6.94 2.93 -5.91
CA ASP A 39 8.27 2.41 -5.63
C ASP A 39 8.97 3.25 -4.57
N PRO A 40 8.71 2.94 -3.29
CA PRO A 40 7.80 1.86 -2.91
C PRO A 40 6.34 2.17 -3.25
N ALA A 41 5.53 1.13 -3.42
CA ALA A 41 4.12 1.30 -3.73
C ALA A 41 3.32 1.63 -2.48
N GLN A 42 2.01 1.80 -2.64
CA GLN A 42 1.13 2.12 -1.53
C GLN A 42 0.38 0.89 -1.05
N ASP A 43 0.25 0.74 0.26
CA ASP A 43 -0.45 -0.39 0.84
C ASP A 43 -1.85 -0.53 0.25
N ALA A 44 -2.24 -1.78 -0.02
CA ALA A 44 -3.56 -2.05 -0.59
C ALA A 44 -4.57 -2.37 0.49
N VAL A 45 -5.55 -1.49 0.66
CA VAL A 45 -6.59 -1.68 1.68
C VAL A 45 -7.87 -2.21 1.05
N LYS A 46 -7.75 -2.84 -0.11
CA LYS A 46 -8.89 -3.41 -0.81
C LYS A 46 -8.52 -4.70 -1.52
N THR A 47 -9.53 -5.45 -1.95
CA THR A 47 -9.31 -6.71 -2.65
C THR A 47 -10.55 -7.14 -3.43
N CYS A 48 -10.49 -6.98 -4.74
CA CYS A 48 -11.62 -7.36 -5.58
C CYS A 48 -11.45 -8.82 -5.98
N VAL A 49 -12.34 -9.67 -5.45
CA VAL A 49 -12.32 -11.09 -5.74
C VAL A 49 -12.49 -11.35 -7.23
N THR A 50 -13.40 -10.62 -7.86
CA THR A 50 -13.68 -10.77 -9.29
C THR A 50 -12.43 -10.44 -10.11
N CYS A 51 -11.62 -9.52 -9.61
CA CYS A 51 -10.41 -9.13 -10.33
C CYS A 51 -9.30 -10.08 -9.92
N GLU A 52 -9.47 -10.70 -8.76
CA GLU A 52 -8.50 -11.65 -8.23
C GLU A 52 -7.17 -10.95 -7.93
N VAL A 53 -7.26 -9.69 -7.51
CA VAL A 53 -6.06 -8.91 -7.19
C VAL A 53 -6.37 -7.87 -6.12
N SER A 54 -5.39 -7.63 -5.25
CA SER A 54 -5.55 -6.64 -4.18
C SER A 54 -5.04 -5.27 -4.61
N TYR A 55 -5.87 -4.26 -4.41
CA TYR A 55 -5.51 -2.89 -4.78
C TYR A 55 -5.68 -1.94 -3.60
N CYS A 56 -5.29 -0.70 -3.79
CA CYS A 56 -5.40 0.30 -2.74
C CYS A 56 -6.63 1.16 -3.02
N ASP A 57 -6.63 2.35 -2.43
CA ASP A 57 -7.74 3.28 -2.60
C ASP A 57 -7.61 4.04 -3.92
N GLU A 58 -6.56 4.84 -4.04
CA GLU A 58 -6.32 5.62 -5.25
C GLU A 58 -6.57 4.76 -6.50
N CYS A 59 -5.81 3.69 -6.62
CA CYS A 59 -5.95 2.79 -7.77
C CYS A 59 -7.44 2.44 -7.92
N LEU A 60 -8.00 1.90 -6.85
CA LEU A 60 -9.41 1.51 -6.83
C LEU A 60 -10.29 2.66 -7.33
N LYS A 61 -9.83 3.88 -7.11
CA LYS A 61 -10.58 5.06 -7.54
C LYS A 61 -10.58 5.18 -9.06
N ALA A 62 -9.44 4.90 -9.67
CA ALA A 62 -9.31 4.98 -11.12
C ALA A 62 -9.88 3.73 -11.80
N THR A 63 -9.42 2.56 -11.33
CA THR A 63 -9.88 1.30 -11.89
C THR A 63 -11.35 1.05 -11.56
N HIS A 64 -11.72 1.26 -10.30
CA HIS A 64 -13.09 1.06 -9.86
C HIS A 64 -13.73 2.39 -9.47
N PRO A 65 -14.11 3.18 -10.49
CA PRO A 65 -14.75 4.49 -10.28
C PRO A 65 -16.16 4.36 -9.71
N ASN A 66 -16.77 5.51 -9.42
CA ASN A 66 -18.12 5.53 -8.87
C ASN A 66 -18.17 4.85 -7.50
N LYS A 67 -19.37 4.63 -7.00
CA LYS A 67 -19.55 4.00 -5.70
C LYS A 67 -21.01 3.60 -5.48
N LYS A 68 -21.25 2.79 -4.45
CA LYS A 68 -22.60 2.35 -4.13
C LYS A 68 -23.17 1.47 -5.25
N PRO A 69 -23.37 0.18 -4.94
CA PRO A 69 -23.06 -0.38 -3.63
C PRO A 69 -21.57 -0.44 -3.35
N PHE A 70 -20.82 -0.99 -4.30
CA PHE A 70 -19.37 -1.11 -4.16
C PHE A 70 -18.67 -0.71 -5.45
N THR A 71 -18.91 0.52 -5.88
CA THR A 71 -18.29 1.03 -7.11
C THR A 71 -18.53 0.09 -8.27
N GLY A 72 -19.62 -0.66 -8.21
CA GLY A 72 -19.94 -1.60 -9.28
C GLY A 72 -19.40 -2.99 -9.01
N HIS A 73 -18.12 -3.07 -8.67
CA HIS A 73 -17.48 -4.35 -8.39
C HIS A 73 -17.74 -4.78 -6.94
N ARG A 74 -17.25 -5.96 -6.59
CA ARG A 74 -17.44 -6.49 -5.24
C ARG A 74 -16.11 -6.50 -4.48
N LEU A 75 -16.10 -7.14 -3.32
CA LEU A 75 -14.89 -7.23 -2.51
C LEU A 75 -14.89 -8.52 -1.68
N ILE A 76 -13.95 -8.61 -0.75
CA ILE A 76 -13.85 -9.78 0.11
C ILE A 76 -15.18 -10.12 0.76
N GLU A 77 -15.61 -11.37 0.61
CA GLU A 77 -16.87 -11.81 1.19
C GLU A 77 -16.94 -11.48 2.68
N PRO A 78 -18.16 -11.46 3.22
CA PRO A 78 -18.40 -11.16 4.64
C PRO A 78 -17.90 -12.26 5.56
N GLN A 1 52.59 40.74 -19.78
CA GLN A 1 51.14 40.58 -19.68
C GLN A 1 50.73 40.21 -18.26
N LYS A 2 50.17 41.18 -17.53
CA LYS A 2 49.73 40.95 -16.16
C LYS A 2 48.42 40.18 -16.12
N ALA A 3 48.25 39.36 -15.09
CA ALA A 3 47.04 38.56 -14.94
C ALA A 3 46.89 38.05 -13.51
N SER A 4 45.65 37.79 -13.11
CA SER A 4 45.37 37.31 -11.76
C SER A 4 45.06 35.82 -11.77
N VAL A 5 46.07 35.01 -11.48
CA VAL A 5 45.91 33.56 -11.45
C VAL A 5 45.29 33.10 -10.14
N SER A 6 44.57 31.97 -10.19
CA SER A 6 43.92 31.43 -9.00
C SER A 6 43.34 30.06 -9.29
N GLY A 7 42.72 29.46 -8.27
CA GLY A 7 42.13 28.14 -8.43
C GLY A 7 41.68 27.55 -7.12
N PRO A 8 40.61 28.11 -6.54
CA PRO A 8 40.05 27.65 -5.26
C PRO A 8 39.38 26.29 -5.38
N ASN A 9 39.47 25.49 -4.32
CA ASN A 9 38.87 24.16 -4.31
C ASN A 9 38.35 23.81 -2.92
N SER A 10 37.88 22.58 -2.76
CA SER A 10 37.35 22.12 -1.48
C SER A 10 37.62 20.63 -1.29
N PRO A 11 37.56 20.18 -0.03
CA PRO A 11 37.80 18.78 0.32
C PRO A 11 36.68 17.86 -0.16
N SER A 12 37.06 16.84 -0.93
CA SER A 12 36.07 15.89 -1.47
C SER A 12 36.12 14.57 -0.69
N GLU A 13 35.07 14.31 0.08
CA GLU A 13 34.99 13.09 0.86
C GLU A 13 33.54 12.80 1.26
N THR A 14 32.85 12.04 0.43
CA THR A 14 31.45 11.68 0.70
C THR A 14 31.31 10.20 1.02
N ARG A 15 30.65 9.90 2.13
CA ARG A 15 30.45 8.51 2.53
C ARG A 15 29.10 8.34 3.25
N ARG A 16 28.10 7.90 2.50
CA ARG A 16 26.77 7.71 3.06
C ARG A 16 25.95 6.76 2.20
N GLU A 17 25.81 5.52 2.65
CA GLU A 17 25.05 4.51 1.92
C GLU A 17 23.60 4.45 2.41
N ARG A 18 22.66 4.55 1.48
CA ARG A 18 21.24 4.50 1.83
C ARG A 18 20.44 3.86 0.71
N ALA A 19 19.33 3.22 1.07
CA ALA A 19 18.47 2.55 0.10
C ALA A 19 17.20 2.02 0.77
N PHE A 20 16.22 1.64 -0.05
CA PHE A 20 14.97 1.11 0.46
C PHE A 20 14.88 -0.39 0.22
N ASP A 21 15.89 -1.12 0.65
CA ASP A 21 15.93 -2.56 0.49
C ASP A 21 16.42 -3.25 1.75
N ALA A 22 15.51 -3.90 2.47
CA ALA A 22 15.84 -4.59 3.71
C ALA A 22 14.66 -5.41 4.22
N ASN A 23 14.95 -6.41 5.05
CA ASN A 23 13.91 -7.27 5.60
C ASN A 23 13.24 -6.60 6.80
N THR A 24 11.98 -6.20 6.62
CA THR A 24 11.23 -5.55 7.69
C THR A 24 10.39 -6.56 8.47
N MET A 25 10.41 -6.44 9.79
CA MET A 25 9.65 -7.33 10.65
C MET A 25 8.14 -7.13 10.45
N THR A 26 7.48 -8.14 9.91
CA THR A 26 6.04 -8.07 9.67
C THR A 26 5.26 -8.26 10.97
N SER A 27 4.36 -7.32 11.24
CA SER A 27 3.55 -7.39 12.46
C SER A 27 2.08 -7.60 12.11
N ALA A 28 1.50 -6.64 11.40
CA ALA A 28 0.10 -6.72 11.02
C ALA A 28 -0.19 -5.80 9.83
N GLU A 29 0.82 -5.53 9.03
CA GLU A 29 0.67 -4.67 7.86
C GLU A 29 -0.08 -5.38 6.75
N LYS A 30 -0.82 -4.61 5.95
CA LYS A 30 -1.59 -5.16 4.85
C LYS A 30 -0.70 -5.39 3.63
N VAL A 31 -1.30 -5.90 2.55
CA VAL A 31 -0.57 -6.17 1.32
C VAL A 31 -0.27 -4.88 0.56
N LEU A 32 0.79 -4.91 -0.23
CA LEU A 32 1.18 -3.74 -1.02
C LEU A 32 0.49 -3.72 -2.37
N CYS A 33 -0.12 -2.59 -2.72
CA CYS A 33 -0.81 -2.47 -3.98
C CYS A 33 0.17 -2.84 -5.11
N GLN A 34 -0.10 -3.98 -5.73
CA GLN A 34 0.73 -4.46 -6.83
C GLN A 34 0.64 -3.54 -8.04
N PHE A 35 -0.56 -3.00 -8.26
CA PHE A 35 -0.78 -2.10 -9.40
C PHE A 35 -0.03 -0.78 -9.20
N CYS A 36 0.15 -0.39 -7.94
CA CYS A 36 0.85 0.85 -7.64
C CYS A 36 2.23 0.80 -8.28
N ASP A 37 2.80 1.98 -8.49
CA ASP A 37 4.11 2.10 -9.09
C ASP A 37 4.90 3.25 -8.46
N GLN A 38 4.57 3.57 -7.22
CA GLN A 38 5.24 4.66 -6.51
C GLN A 38 6.67 4.26 -6.15
N ASP A 39 6.83 3.08 -5.56
CA ASP A 39 8.14 2.59 -5.18
C ASP A 39 8.77 3.49 -4.12
N PRO A 40 8.44 3.22 -2.85
CA PRO A 40 7.54 2.14 -2.47
C PRO A 40 6.10 2.40 -2.89
N ALA A 41 5.33 1.34 -3.07
CA ALA A 41 3.94 1.47 -3.47
C ALA A 41 3.06 1.81 -2.27
N GLN A 42 1.84 2.26 -2.54
CA GLN A 42 0.90 2.62 -1.48
C GLN A 42 0.12 1.39 -1.01
N ASP A 43 0.01 1.25 0.31
CA ASP A 43 -0.71 0.13 0.90
C ASP A 43 -2.12 0.01 0.31
N ALA A 44 -2.61 -1.22 0.22
CA ALA A 44 -3.94 -1.46 -0.32
C ALA A 44 -4.90 -1.90 0.78
N VAL A 45 -6.20 -1.77 0.51
CA VAL A 45 -7.23 -2.15 1.48
C VAL A 45 -8.47 -2.70 0.78
N LYS A 46 -8.30 -3.08 -0.49
CA LYS A 46 -9.40 -3.62 -1.27
C LYS A 46 -8.94 -4.78 -2.13
N THR A 47 -9.58 -5.93 -1.95
CA THR A 47 -9.23 -7.13 -2.72
C THR A 47 -10.40 -7.61 -3.57
N CYS A 48 -10.27 -7.45 -4.87
CA CYS A 48 -11.34 -7.87 -5.79
C CYS A 48 -11.06 -9.31 -6.20
N VAL A 49 -11.96 -10.20 -5.78
CA VAL A 49 -11.85 -11.62 -6.09
C VAL A 49 -11.98 -11.86 -7.59
N THR A 50 -12.86 -11.09 -8.22
CA THR A 50 -13.09 -11.23 -9.67
C THR A 50 -11.85 -10.81 -10.46
N CYS A 51 -11.15 -9.81 -9.97
CA CYS A 51 -9.95 -9.34 -10.62
C CYS A 51 -8.78 -10.24 -10.23
N GLU A 52 -8.97 -10.93 -9.11
CA GLU A 52 -7.95 -11.84 -8.60
C GLU A 52 -6.69 -11.08 -8.21
N VAL A 53 -6.86 -9.82 -7.82
CA VAL A 53 -5.74 -8.98 -7.42
C VAL A 53 -6.18 -7.93 -6.40
N SER A 54 -5.31 -7.63 -5.45
CA SER A 54 -5.61 -6.64 -4.42
C SER A 54 -5.06 -5.28 -4.80
N TYR A 55 -5.91 -4.26 -4.72
CA TYR A 55 -5.52 -2.90 -5.06
C TYR A 55 -5.80 -1.95 -3.90
N CYS A 56 -5.39 -0.69 -4.08
CA CYS A 56 -5.60 0.31 -3.04
C CYS A 56 -6.76 1.20 -3.48
N ASP A 57 -7.14 2.11 -2.58
CA ASP A 57 -8.23 3.05 -2.85
C ASP A 57 -7.97 3.84 -4.12
N GLU A 58 -6.80 4.48 -4.18
CA GLU A 58 -6.44 5.28 -5.35
C GLU A 58 -6.68 4.51 -6.64
N CYS A 59 -5.93 3.43 -6.82
CA CYS A 59 -6.08 2.62 -8.02
C CYS A 59 -7.56 2.24 -8.16
N LEU A 60 -8.11 1.70 -7.09
CA LEU A 60 -9.51 1.29 -7.07
C LEU A 60 -10.41 2.40 -7.60
N LYS A 61 -9.97 3.64 -7.45
CA LYS A 61 -10.73 4.79 -7.92
C LYS A 61 -10.74 4.85 -9.45
N ALA A 62 -9.59 4.60 -10.06
CA ALA A 62 -9.47 4.61 -11.51
C ALA A 62 -9.97 3.31 -12.11
N THR A 63 -9.47 2.19 -11.61
CA THR A 63 -9.87 0.88 -12.10
C THR A 63 -11.33 0.60 -11.78
N HIS A 64 -11.72 0.85 -10.53
CA HIS A 64 -13.09 0.62 -10.09
C HIS A 64 -13.78 1.94 -9.77
N PRO A 65 -14.13 2.70 -10.82
CA PRO A 65 -14.81 3.99 -10.67
C PRO A 65 -16.24 3.84 -10.17
N ASN A 66 -16.81 4.94 -9.70
CA ASN A 66 -18.18 4.94 -9.19
C ASN A 66 -18.29 4.07 -7.95
N LYS A 67 -18.55 4.70 -6.80
CA LYS A 67 -18.68 3.99 -5.54
C LYS A 67 -19.42 4.83 -4.51
N LYS A 68 -20.62 4.42 -4.16
CA LYS A 68 -21.44 5.14 -3.19
C LYS A 68 -22.73 4.38 -2.87
N PRO A 69 -22.64 3.43 -1.93
CA PRO A 69 -21.39 3.12 -1.23
C PRO A 69 -20.36 2.46 -2.14
N PHE A 70 -20.84 1.58 -3.02
CA PHE A 70 -19.96 0.86 -3.94
C PHE A 70 -20.68 0.58 -5.25
N THR A 71 -21.64 -0.33 -5.21
CA THR A 71 -22.41 -0.71 -6.39
C THR A 71 -21.52 -0.74 -7.63
N GLY A 72 -20.32 -1.31 -7.48
CA GLY A 72 -19.40 -1.40 -8.59
C GLY A 72 -18.93 -2.82 -8.83
N HIS A 73 -17.77 -3.16 -8.27
CA HIS A 73 -17.21 -4.50 -8.43
C HIS A 73 -17.39 -5.32 -7.16
N ARG A 74 -16.83 -6.53 -7.16
CA ARG A 74 -16.93 -7.41 -6.00
C ARG A 74 -15.76 -7.18 -5.05
N LEU A 75 -15.69 -8.01 -4.01
CA LEU A 75 -14.63 -7.89 -3.01
C LEU A 75 -14.62 -9.10 -2.08
N ILE A 76 -13.83 -9.01 -1.01
CA ILE A 76 -13.74 -10.09 -0.04
C ILE A 76 -15.12 -10.53 0.43
N GLU A 77 -15.37 -11.84 0.38
CA GLU A 77 -16.64 -12.39 0.80
C GLU A 77 -17.01 -11.92 2.22
N PRO A 78 -18.30 -12.00 2.56
CA PRO A 78 -18.80 -11.59 3.87
C PRO A 78 -18.33 -12.53 4.98
N GLN A 1 39.28 43.20 -20.29
CA GLN A 1 38.08 42.71 -19.62
C GLN A 1 37.87 41.22 -19.88
N LYS A 2 37.99 40.43 -18.83
CA LYS A 2 37.81 38.99 -18.94
C LYS A 2 36.35 38.59 -18.77
N ALA A 3 36.03 37.34 -19.08
CA ALA A 3 34.67 36.85 -18.97
C ALA A 3 34.65 35.35 -18.65
N SER A 4 33.46 34.78 -18.59
CA SER A 4 33.31 33.35 -18.30
C SER A 4 33.15 32.54 -19.59
N VAL A 5 34.28 32.15 -20.16
CA VAL A 5 34.28 31.37 -21.40
C VAL A 5 35.07 30.08 -21.23
N SER A 6 34.43 29.07 -20.62
CA SER A 6 35.07 27.78 -20.40
C SER A 6 34.45 26.71 -21.29
N GLY A 7 34.95 25.48 -21.16
CA GLY A 7 34.44 24.39 -21.96
C GLY A 7 32.97 24.13 -21.71
N PRO A 8 32.43 23.09 -22.36
CA PRO A 8 31.02 22.71 -22.22
C PRO A 8 30.70 22.13 -20.84
N ASN A 9 29.51 22.42 -20.34
CA ASN A 9 29.09 21.93 -19.03
C ASN A 9 29.15 20.41 -18.98
N SER A 10 29.58 19.88 -17.84
CA SER A 10 29.69 18.43 -17.66
C SER A 10 28.36 17.75 -17.94
N PRO A 11 28.41 16.43 -18.20
CA PRO A 11 27.22 15.63 -18.49
C PRO A 11 26.33 15.45 -17.26
N SER A 12 25.02 15.47 -17.46
CA SER A 12 24.07 15.31 -16.37
C SER A 12 24.15 13.90 -15.79
N GLU A 13 24.73 13.79 -14.61
CA GLU A 13 24.87 12.50 -13.94
C GLU A 13 23.52 11.80 -13.81
N THR A 14 23.35 10.70 -14.53
CA THR A 14 22.11 9.95 -14.51
C THR A 14 22.17 8.83 -13.47
N ARG A 15 21.12 8.02 -13.43
CA ARG A 15 21.06 6.90 -12.48
C ARG A 15 20.79 5.59 -13.21
N ARG A 16 20.85 4.48 -12.47
CA ARG A 16 20.61 3.17 -13.05
C ARG A 16 19.19 3.05 -13.58
N GLU A 17 19.06 2.57 -14.82
CA GLU A 17 17.75 2.40 -15.43
C GLU A 17 16.87 1.47 -14.61
N ARG A 18 15.79 2.01 -14.05
CA ARG A 18 14.87 1.22 -13.24
C ARG A 18 14.40 -0.03 -14.00
N ALA A 19 13.91 -1.01 -13.26
CA ALA A 19 13.42 -2.24 -13.86
C ALA A 19 12.12 -2.69 -13.22
N PHE A 20 11.60 -3.83 -13.68
CA PHE A 20 10.36 -4.37 -13.14
C PHE A 20 10.47 -4.62 -11.64
N ASP A 21 9.33 -4.76 -10.98
CA ASP A 21 9.29 -5.00 -9.54
C ASP A 21 9.68 -6.45 -9.23
N ALA A 22 9.74 -6.77 -7.94
CA ALA A 22 10.08 -8.11 -7.51
C ALA A 22 9.18 -8.58 -6.36
N ASN A 23 9.43 -9.78 -5.86
CA ASN A 23 8.66 -10.34 -4.77
C ASN A 23 9.02 -9.67 -3.45
N THR A 24 8.01 -9.20 -2.72
CA THR A 24 8.23 -8.54 -1.44
C THR A 24 7.56 -9.31 -0.31
N MET A 25 8.16 -9.26 0.87
CA MET A 25 7.62 -9.95 2.04
C MET A 25 6.24 -9.41 2.40
N THR A 26 5.49 -10.19 3.18
CA THR A 26 4.15 -9.78 3.59
C THR A 26 3.75 -10.47 4.90
N SER A 27 3.90 -11.79 4.94
CA SER A 27 3.55 -12.56 6.13
C SER A 27 2.17 -12.17 6.65
N ALA A 28 2.14 -11.25 7.59
CA ALA A 28 0.88 -10.79 8.18
C ALA A 28 0.98 -9.34 8.62
N GLU A 29 1.89 -8.59 7.99
CA GLU A 29 2.08 -7.18 8.33
C GLU A 29 1.02 -6.31 7.64
N LYS A 30 1.10 -6.22 6.33
CA LYS A 30 0.15 -5.43 5.56
C LYS A 30 0.11 -5.86 4.10
N VAL A 31 -0.72 -5.21 3.31
CA VAL A 31 -0.85 -5.54 1.89
C VAL A 31 -0.26 -4.43 1.02
N LEU A 32 0.16 -4.80 -0.19
CA LEU A 32 0.75 -3.84 -1.12
C LEU A 32 -0.05 -3.79 -2.42
N CYS A 33 -0.17 -2.61 -3.00
CA CYS A 33 -0.89 -2.46 -4.25
C CYS A 33 0.04 -2.83 -5.40
N GLN A 34 -0.34 -3.86 -6.13
CA GLN A 34 0.45 -4.34 -7.26
C GLN A 34 0.38 -3.35 -8.42
N PHE A 35 -0.77 -2.70 -8.57
CA PHE A 35 -0.96 -1.73 -9.64
C PHE A 35 -0.17 -0.46 -9.37
N CYS A 36 0.14 -0.22 -8.11
CA CYS A 36 0.89 0.96 -7.73
C CYS A 36 2.29 0.86 -8.33
N ASP A 37 2.92 2.01 -8.49
CA ASP A 37 4.27 2.08 -9.04
C ASP A 37 5.10 3.14 -8.34
N GLN A 38 4.76 3.43 -7.09
CA GLN A 38 5.47 4.42 -6.30
C GLN A 38 6.87 3.94 -5.94
N ASP A 39 6.96 2.68 -5.52
CA ASP A 39 8.25 2.10 -5.15
C ASP A 39 8.88 2.85 -4.00
N PRO A 40 8.50 2.49 -2.76
CA PRO A 40 7.53 1.42 -2.52
C PRO A 40 6.11 1.81 -2.95
N ALA A 41 5.30 0.81 -3.27
CA ALA A 41 3.92 1.05 -3.70
C ALA A 41 3.03 1.35 -2.50
N GLN A 42 1.90 2.01 -2.76
CA GLN A 42 0.96 2.35 -1.71
C GLN A 42 0.27 1.10 -1.16
N ASP A 43 0.13 1.04 0.15
CA ASP A 43 -0.51 -0.11 0.80
C ASP A 43 -1.91 -0.31 0.24
N ALA A 44 -2.25 -1.57 -0.05
CA ALA A 44 -3.56 -1.90 -0.58
C ALA A 44 -4.54 -2.23 0.53
N VAL A 45 -5.77 -1.77 0.38
CA VAL A 45 -6.80 -2.01 1.39
C VAL A 45 -8.10 -2.51 0.74
N LYS A 46 -8.01 -2.88 -0.53
CA LYS A 46 -9.17 -3.36 -1.27
C LYS A 46 -8.76 -4.44 -2.27
N THR A 47 -9.21 -5.67 -2.02
CA THR A 47 -8.90 -6.78 -2.91
C THR A 47 -10.13 -7.26 -3.65
N CYS A 48 -10.13 -7.05 -4.96
CA CYS A 48 -11.26 -7.48 -5.78
C CYS A 48 -11.07 -8.94 -6.16
N VAL A 49 -11.89 -9.79 -5.53
CA VAL A 49 -11.83 -11.23 -5.78
C VAL A 49 -12.04 -11.54 -7.26
N THR A 50 -12.98 -10.84 -7.87
CA THR A 50 -13.30 -11.04 -9.28
C THR A 50 -12.09 -10.72 -10.16
N CYS A 51 -11.29 -9.76 -9.72
CA CYS A 51 -10.11 -9.37 -10.47
C CYS A 51 -8.95 -10.29 -10.06
N GLU A 52 -9.11 -10.87 -8.88
CA GLU A 52 -8.09 -11.77 -8.34
C GLU A 52 -6.78 -11.02 -8.09
N VAL A 53 -6.90 -9.77 -7.67
CA VAL A 53 -5.73 -8.95 -7.38
C VAL A 53 -6.03 -7.91 -6.31
N SER A 54 -5.04 -7.63 -5.46
CA SER A 54 -5.20 -6.66 -4.39
C SER A 54 -4.78 -5.27 -4.85
N TYR A 55 -5.64 -4.28 -4.61
CA TYR A 55 -5.37 -2.91 -5.00
C TYR A 55 -5.57 -1.96 -3.82
N CYS A 56 -5.25 -0.69 -4.03
CA CYS A 56 -5.41 0.30 -2.98
C CYS A 56 -6.67 1.12 -3.28
N ASP A 57 -6.72 2.30 -2.68
CA ASP A 57 -7.86 3.19 -2.86
C ASP A 57 -7.74 3.96 -4.18
N GLU A 58 -6.73 4.81 -4.28
CA GLU A 58 -6.51 5.59 -5.49
C GLU A 58 -6.71 4.74 -6.74
N CYS A 59 -5.91 3.68 -6.87
CA CYS A 59 -6.01 2.80 -8.01
C CYS A 59 -7.48 2.40 -8.18
N LEU A 60 -8.03 1.82 -7.11
CA LEU A 60 -9.42 1.38 -7.11
C LEU A 60 -10.34 2.49 -7.61
N LYS A 61 -9.94 3.73 -7.40
CA LYS A 61 -10.72 4.88 -7.82
C LYS A 61 -10.72 5.00 -9.35
N ALA A 62 -9.56 4.77 -9.95
CA ALA A 62 -9.42 4.85 -11.40
C ALA A 62 -9.92 3.58 -12.08
N THR A 63 -9.43 2.44 -11.62
CA THR A 63 -9.84 1.15 -12.18
C THR A 63 -11.30 0.84 -11.86
N HIS A 64 -11.67 1.04 -10.60
CA HIS A 64 -13.04 0.79 -10.16
C HIS A 64 -13.74 2.09 -9.78
N PRO A 65 -14.10 2.89 -10.78
CA PRO A 65 -14.78 4.17 -10.57
C PRO A 65 -16.21 3.99 -10.06
N ASN A 66 -16.43 4.35 -8.80
CA ASN A 66 -17.75 4.23 -8.18
C ASN A 66 -17.84 5.07 -6.92
N LYS A 67 -19.01 5.04 -6.28
CA LYS A 67 -19.23 5.80 -5.05
C LYS A 67 -19.64 4.88 -3.91
N LYS A 68 -20.90 4.46 -3.91
CA LYS A 68 -21.42 3.57 -2.89
C LYS A 68 -22.88 3.23 -3.13
N PRO A 69 -23.36 2.13 -2.52
CA PRO A 69 -22.53 1.30 -1.64
C PRO A 69 -21.47 0.52 -2.42
N PHE A 70 -21.88 -0.08 -3.53
CA PHE A 70 -20.97 -0.86 -4.36
C PHE A 70 -21.54 -1.07 -5.75
N THR A 71 -21.66 0.02 -6.51
CA THR A 71 -22.20 -0.05 -7.87
C THR A 71 -21.09 -0.28 -8.89
N GLY A 72 -20.21 -1.23 -8.59
CA GLY A 72 -19.12 -1.53 -9.50
C GLY A 72 -18.67 -2.97 -9.41
N HIS A 73 -17.61 -3.21 -8.64
CA HIS A 73 -17.09 -4.57 -8.47
C HIS A 73 -17.35 -5.08 -7.05
N ARG A 74 -16.87 -6.29 -6.77
CA ARG A 74 -17.06 -6.89 -5.45
C ARG A 74 -15.78 -6.83 -4.63
N LEU A 75 -15.81 -7.43 -3.45
CA LEU A 75 -14.65 -7.44 -2.56
C LEU A 75 -14.65 -8.68 -1.68
N ILE A 76 -13.75 -8.69 -0.69
CA ILE A 76 -13.65 -9.82 0.23
C ILE A 76 -15.02 -10.16 0.83
N GLU A 77 -15.46 -11.40 0.62
CA GLU A 77 -16.74 -11.84 1.14
C GLU A 77 -17.87 -10.91 0.71
N PRO A 78 -18.24 -10.99 -0.58
CA PRO A 78 -19.30 -10.16 -1.16
C PRO A 78 -20.69 -10.54 -0.64
N GLN A 1 -37.02 -20.47 19.01
CA GLN A 1 -36.68 -19.60 17.90
C GLN A 1 -35.44 -18.78 18.21
N LYS A 2 -34.48 -18.75 17.28
CA LYS A 2 -33.26 -18.01 17.45
C LYS A 2 -32.51 -18.46 18.71
N ALA A 3 -31.42 -17.77 19.03
CA ALA A 3 -30.64 -18.10 20.21
C ALA A 3 -29.71 -16.95 20.59
N SER A 4 -29.69 -16.61 21.88
CA SER A 4 -28.85 -15.52 22.37
C SER A 4 -27.65 -16.06 23.13
N VAL A 5 -26.69 -16.62 22.40
CA VAL A 5 -25.49 -17.18 23.00
C VAL A 5 -24.47 -16.08 23.32
N SER A 6 -23.97 -16.09 24.54
CA SER A 6 -22.99 -15.09 24.97
C SER A 6 -22.10 -15.65 26.09
N GLY A 7 -20.88 -15.14 26.16
CA GLY A 7 -19.95 -15.60 27.18
C GLY A 7 -19.37 -14.46 27.99
N PRO A 8 -20.20 -13.85 28.85
CA PRO A 8 -19.79 -12.72 29.70
C PRO A 8 -18.82 -13.15 30.79
N ASN A 9 -17.52 -12.94 30.55
CA ASN A 9 -16.50 -13.30 31.52
C ASN A 9 -15.30 -12.36 31.43
N SER A 10 -14.60 -12.19 32.55
CA SER A 10 -13.45 -11.31 32.59
C SER A 10 -12.15 -12.11 32.45
N PRO A 11 -11.06 -11.41 32.07
CA PRO A 11 -9.75 -12.04 31.91
C PRO A 11 -9.13 -12.47 33.22
N SER A 12 -8.61 -13.69 33.25
CA SER A 12 -7.99 -14.24 34.46
C SER A 12 -6.54 -13.81 34.57
N GLU A 13 -6.15 -13.30 35.74
CA GLU A 13 -4.79 -12.85 35.97
C GLU A 13 -4.20 -13.53 37.20
N THR A 14 -3.30 -14.49 36.97
CA THR A 14 -2.66 -15.21 38.06
C THR A 14 -1.15 -15.29 37.86
N ARG A 15 -0.74 -15.58 36.63
CA ARG A 15 0.68 -15.70 36.30
C ARG A 15 1.31 -14.31 36.16
N ARG A 16 2.55 -14.17 36.63
CA ARG A 16 3.26 -12.91 36.56
C ARG A 16 3.77 -12.64 35.15
N GLU A 17 4.14 -11.39 34.87
CA GLU A 17 4.63 -11.02 33.56
C GLU A 17 6.00 -11.65 33.29
N ARG A 18 6.05 -12.53 32.30
CA ARG A 18 7.29 -13.21 31.94
C ARG A 18 7.82 -12.70 30.61
N ALA A 19 7.04 -12.87 29.55
CA ALA A 19 7.44 -12.43 28.23
C ALA A 19 7.50 -10.91 28.15
N PHE A 20 8.70 -10.37 27.97
CA PHE A 20 8.90 -8.94 27.89
C PHE A 20 10.24 -8.60 27.24
N ASP A 21 11.32 -8.84 27.98
CA ASP A 21 12.67 -8.57 27.48
C ASP A 21 12.90 -7.07 27.37
N ALA A 22 12.33 -6.46 26.34
CA ALA A 22 12.48 -5.02 26.11
C ALA A 22 11.61 -4.55 24.96
N ASN A 23 12.00 -4.91 23.74
CA ASN A 23 11.26 -4.51 22.55
C ASN A 23 11.01 -5.73 21.64
N THR A 24 10.10 -6.60 22.05
CA THR A 24 9.78 -7.79 21.28
C THR A 24 9.36 -7.42 19.85
N MET A 25 9.86 -8.18 18.88
CA MET A 25 9.53 -7.93 17.49
C MET A 25 8.37 -8.83 17.03
N THR A 26 7.54 -8.31 16.14
CA THR A 26 6.41 -9.06 15.62
C THR A 26 6.36 -9.03 14.10
N SER A 27 6.74 -10.14 13.47
CA SER A 27 6.74 -10.23 12.01
C SER A 27 5.32 -10.09 11.46
N ALA A 28 4.99 -8.88 10.99
CA ALA A 28 3.68 -8.61 10.43
C ALA A 28 3.79 -8.15 8.99
N GLU A 29 3.27 -8.96 8.07
CA GLU A 29 3.30 -8.63 6.64
C GLU A 29 2.07 -7.83 6.24
N LYS A 30 2.25 -6.89 5.31
CA LYS A 30 1.16 -6.05 4.84
C LYS A 30 0.82 -6.38 3.39
N VAL A 31 -0.26 -5.78 2.89
CA VAL A 31 -0.69 -5.99 1.51
C VAL A 31 -0.42 -4.77 0.65
N LEU A 32 0.77 -4.73 0.06
CA LEU A 32 1.16 -3.61 -0.80
C LEU A 32 0.42 -3.67 -2.13
N CYS A 33 -0.10 -2.53 -2.56
CA CYS A 33 -0.82 -2.46 -3.82
C CYS A 33 0.12 -2.93 -4.93
N GLN A 34 -0.21 -4.09 -5.50
CA GLN A 34 0.58 -4.66 -6.58
C GLN A 34 0.43 -3.85 -7.86
N PHE A 35 -0.72 -3.21 -8.00
CA PHE A 35 -1.00 -2.40 -9.20
C PHE A 35 -0.25 -1.07 -9.13
N CYS A 36 0.04 -0.62 -7.92
CA CYS A 36 0.75 0.63 -7.73
C CYS A 36 2.10 0.53 -8.44
N ASP A 37 2.65 1.70 -8.75
CA ASP A 37 3.94 1.77 -9.43
C ASP A 37 4.76 2.96 -8.91
N GLN A 38 4.47 3.37 -7.68
CA GLN A 38 5.18 4.49 -7.07
C GLN A 38 6.63 4.11 -6.75
N ASP A 39 6.80 2.98 -6.08
CA ASP A 39 8.13 2.51 -5.70
C ASP A 39 8.80 3.49 -4.75
N PRO A 40 8.54 3.32 -3.44
CA PRO A 40 7.66 2.27 -2.95
C PRO A 40 6.20 2.53 -3.32
N ALA A 41 5.40 1.46 -3.35
CA ALA A 41 3.98 1.56 -3.68
C ALA A 41 3.15 1.91 -2.45
N GLN A 42 1.84 2.02 -2.64
CA GLN A 42 0.94 2.34 -1.54
C GLN A 42 0.34 1.07 -0.93
N ASP A 43 -0.29 1.23 0.22
CA ASP A 43 -0.91 0.10 0.91
C ASP A 43 -2.28 -0.23 0.32
N ALA A 44 -2.60 -1.51 0.24
CA ALA A 44 -3.87 -1.95 -0.31
C ALA A 44 -4.94 -2.04 0.77
N VAL A 45 -6.15 -1.62 0.43
CA VAL A 45 -7.26 -1.66 1.38
C VAL A 45 -8.51 -2.28 0.75
N LYS A 46 -8.36 -2.77 -0.48
CA LYS A 46 -9.47 -3.38 -1.19
C LYS A 46 -8.98 -4.55 -2.05
N THR A 47 -9.65 -5.69 -1.92
CA THR A 47 -9.28 -6.88 -2.69
C THR A 47 -10.44 -7.36 -3.54
N CYS A 48 -10.31 -7.22 -4.86
CA CYS A 48 -11.36 -7.64 -5.76
C CYS A 48 -11.08 -9.10 -6.16
N VAL A 49 -11.91 -9.99 -5.62
CA VAL A 49 -11.78 -11.42 -5.90
C VAL A 49 -11.90 -11.70 -7.40
N THR A 50 -12.84 -11.01 -8.05
CA THR A 50 -13.06 -11.19 -9.48
C THR A 50 -11.81 -10.80 -10.27
N CYS A 51 -11.09 -9.80 -9.79
CA CYS A 51 -9.89 -9.35 -10.46
C CYS A 51 -8.73 -10.25 -10.03
N GLU A 52 -8.93 -10.91 -8.89
CA GLU A 52 -7.92 -11.80 -8.34
C GLU A 52 -6.66 -11.03 -7.95
N VAL A 53 -6.84 -9.76 -7.57
CA VAL A 53 -5.72 -8.92 -7.18
C VAL A 53 -6.16 -7.86 -6.17
N SER A 54 -5.27 -7.53 -5.24
CA SER A 54 -5.57 -6.55 -4.21
C SER A 54 -5.04 -5.17 -4.61
N TYR A 55 -5.90 -4.16 -4.53
CA TYR A 55 -5.52 -2.81 -4.89
C TYR A 55 -5.73 -1.86 -3.71
N CYS A 56 -5.32 -0.61 -3.89
CA CYS A 56 -5.47 0.39 -2.84
C CYS A 56 -6.68 1.25 -3.16
N ASP A 57 -6.69 2.45 -2.58
CA ASP A 57 -7.78 3.40 -2.79
C ASP A 57 -7.62 4.13 -4.11
N GLU A 58 -6.56 4.93 -4.22
CA GLU A 58 -6.29 5.69 -5.44
C GLU A 58 -6.40 4.79 -6.67
N CYS A 59 -6.06 3.53 -6.50
CA CYS A 59 -6.13 2.58 -7.61
C CYS A 59 -7.59 2.19 -7.81
N LEU A 60 -8.18 1.64 -6.76
CA LEU A 60 -9.57 1.21 -6.80
C LEU A 60 -10.47 2.32 -7.33
N LYS A 61 -10.04 3.56 -7.15
CA LYS A 61 -10.79 4.71 -7.62
C LYS A 61 -10.77 4.81 -9.14
N ALA A 62 -9.57 4.74 -9.71
CA ALA A 62 -9.40 4.82 -11.14
C ALA A 62 -9.88 3.53 -11.82
N THR A 63 -9.40 2.40 -11.33
CA THR A 63 -9.78 1.10 -11.88
C THR A 63 -11.25 0.81 -11.63
N HIS A 64 -11.68 0.97 -10.39
CA HIS A 64 -13.07 0.71 -10.01
C HIS A 64 -13.76 2.02 -9.61
N PRO A 65 -14.06 2.86 -10.61
CA PRO A 65 -14.73 4.14 -10.38
C PRO A 65 -16.19 3.97 -9.97
N ASN A 66 -16.42 3.89 -8.65
CA ASN A 66 -17.77 3.73 -8.12
C ASN A 66 -18.14 4.89 -7.21
N LYS A 67 -19.43 5.15 -7.10
CA LYS A 67 -19.93 6.24 -6.26
C LYS A 67 -20.36 5.72 -4.89
N LYS A 68 -19.90 4.52 -4.54
CA LYS A 68 -20.24 3.90 -3.27
C LYS A 68 -21.73 3.66 -3.16
N PRO A 69 -22.13 2.77 -2.24
CA PRO A 69 -21.18 2.06 -1.37
C PRO A 69 -20.34 1.05 -2.13
N PHE A 70 -20.99 0.27 -2.98
CA PHE A 70 -20.30 -0.74 -3.77
C PHE A 70 -21.10 -1.10 -5.02
N THR A 71 -21.46 -0.08 -5.80
CA THR A 71 -22.23 -0.29 -7.02
C THR A 71 -21.32 -0.38 -8.23
N GLY A 72 -20.17 -1.03 -8.05
CA GLY A 72 -19.22 -1.18 -9.14
C GLY A 72 -18.77 -2.62 -9.33
N HIS A 73 -17.68 -2.99 -8.66
CA HIS A 73 -17.15 -4.34 -8.76
C HIS A 73 -17.42 -5.12 -7.47
N ARG A 74 -16.83 -6.31 -7.38
CA ARG A 74 -17.01 -7.16 -6.21
C ARG A 74 -15.78 -7.09 -5.31
N LEU A 75 -15.91 -7.64 -4.10
CA LEU A 75 -14.81 -7.64 -3.14
C LEU A 75 -14.82 -8.93 -2.31
N ILE A 76 -13.99 -8.95 -1.27
CA ILE A 76 -13.91 -10.12 -0.40
C ILE A 76 -15.29 -10.53 0.10
N GLU A 77 -15.63 -11.80 -0.11
CA GLU A 77 -16.93 -12.32 0.32
C GLU A 77 -17.16 -12.02 1.80
N PRO A 78 -18.44 -12.08 2.21
CA PRO A 78 -18.84 -11.82 3.60
C PRO A 78 -18.38 -12.93 4.55
N GLN A 1 38.20 45.70 -14.65
CA GLN A 1 39.25 44.84 -14.12
C GLN A 1 38.66 43.50 -13.65
N LYS A 2 38.48 42.58 -14.58
CA LYS A 2 37.93 41.27 -14.26
C LYS A 2 39.02 40.20 -14.34
N ALA A 3 38.81 39.10 -13.62
CA ALA A 3 39.76 38.00 -13.61
C ALA A 3 39.09 36.69 -13.18
N SER A 4 39.76 35.58 -13.45
CA SER A 4 39.23 34.26 -13.09
C SER A 4 40.34 33.23 -13.04
N VAL A 5 40.06 32.09 -12.40
CA VAL A 5 41.04 31.01 -12.29
C VAL A 5 40.49 29.71 -12.89
N SER A 6 41.38 28.96 -13.52
CA SER A 6 40.99 27.68 -14.13
C SER A 6 41.75 26.52 -13.51
N GLY A 7 41.62 26.38 -12.19
CA GLY A 7 42.30 25.30 -11.49
C GLY A 7 41.41 24.58 -10.50
N PRO A 8 40.44 23.82 -11.02
CA PRO A 8 39.49 23.08 -10.19
C PRO A 8 40.15 21.91 -9.46
N ASN A 9 39.54 21.50 -8.35
CA ASN A 9 40.08 20.39 -7.57
C ASN A 9 40.29 19.15 -8.44
N SER A 10 41.48 18.57 -8.35
CA SER A 10 41.82 17.39 -9.12
C SER A 10 40.97 16.20 -8.69
N PRO A 11 40.88 15.18 -9.57
CA PRO A 11 40.11 13.97 -9.31
C PRO A 11 40.74 13.11 -8.22
N SER A 12 39.97 12.80 -7.18
CA SER A 12 40.47 11.99 -6.07
C SER A 12 40.11 10.51 -6.29
N GLU A 13 40.84 9.63 -5.61
CA GLU A 13 40.61 8.20 -5.72
C GLU A 13 39.96 7.65 -4.45
N THR A 14 38.98 6.78 -4.63
CA THR A 14 38.28 6.18 -3.49
C THR A 14 38.33 4.65 -3.56
N ARG A 15 38.28 4.01 -2.40
CA ARG A 15 38.32 2.55 -2.33
C ARG A 15 36.96 1.95 -2.68
N ARG A 16 36.95 0.68 -3.05
CA ARG A 16 35.73 -0.01 -3.42
C ARG A 16 35.29 -0.97 -2.32
N GLU A 17 33.99 -1.25 -2.27
CA GLU A 17 33.45 -2.16 -1.26
C GLU A 17 32.01 -2.54 -1.60
N ARG A 18 31.69 -3.83 -1.42
CA ARG A 18 30.35 -4.32 -1.70
C ARG A 18 29.84 -5.20 -0.57
N ALA A 19 28.56 -5.03 -0.22
CA ALA A 19 27.95 -5.80 0.85
C ALA A 19 27.11 -6.94 0.30
N PHE A 20 26.71 -7.86 1.18
CA PHE A 20 25.90 -9.00 0.77
C PHE A 20 24.45 -8.84 1.24
N ASP A 21 23.52 -9.03 0.31
CA ASP A 21 22.10 -8.89 0.63
C ASP A 21 21.42 -10.26 0.62
N ALA A 22 20.78 -10.60 1.73
CA ALA A 22 20.09 -11.88 1.85
C ALA A 22 18.64 -11.77 1.38
N ASN A 23 18.01 -12.92 1.14
CA ASN A 23 16.63 -12.94 0.67
C ASN A 23 15.74 -13.62 1.70
N THR A 24 15.09 -12.82 2.54
CA THR A 24 14.20 -13.34 3.58
C THR A 24 12.83 -13.68 3.00
N MET A 25 12.05 -14.45 3.75
CA MET A 25 10.72 -14.84 3.31
C MET A 25 9.70 -14.69 4.45
N THR A 26 9.48 -13.46 4.87
CA THR A 26 8.54 -13.19 5.96
C THR A 26 7.11 -13.45 5.52
N SER A 27 6.16 -13.24 6.43
CA SER A 27 4.75 -13.46 6.14
C SER A 27 4.03 -12.14 5.91
N ALA A 28 4.54 -11.07 6.52
CA ALA A 28 3.95 -9.75 6.38
C ALA A 28 2.54 -9.72 6.96
N GLU A 29 1.98 -8.52 7.07
CA GLU A 29 0.63 -8.35 7.61
C GLU A 29 -0.38 -8.14 6.49
N LYS A 30 -0.28 -7.00 5.82
CA LYS A 30 -1.18 -6.68 4.72
C LYS A 30 -0.47 -6.79 3.37
N VAL A 31 -1.22 -6.64 2.30
CA VAL A 31 -0.66 -6.72 0.95
C VAL A 31 -0.51 -5.34 0.33
N LEU A 32 0.43 -5.22 -0.60
CA LEU A 32 0.68 -3.94 -1.26
C LEU A 32 -0.05 -3.87 -2.60
N CYS A 33 -0.40 -2.65 -3.01
CA CYS A 33 -1.09 -2.46 -4.27
C CYS A 33 -0.14 -2.80 -5.41
N GLN A 34 -0.51 -3.81 -6.17
CA GLN A 34 0.30 -4.26 -7.30
C GLN A 34 0.24 -3.25 -8.45
N PHE A 35 -0.89 -2.55 -8.55
CA PHE A 35 -1.07 -1.55 -9.60
C PHE A 35 -0.29 -0.28 -9.29
N CYS A 36 0.01 -0.08 -8.00
CA CYS A 36 0.75 1.09 -7.58
C CYS A 36 2.15 1.02 -8.17
N ASP A 37 2.78 2.19 -8.29
CA ASP A 37 4.12 2.27 -8.83
C ASP A 37 4.92 3.39 -8.15
N GLN A 38 4.54 3.70 -6.91
CA GLN A 38 5.21 4.74 -6.15
C GLN A 38 6.62 4.31 -5.75
N ASP A 39 6.73 3.10 -5.23
CA ASP A 39 8.01 2.56 -4.81
C ASP A 39 8.61 3.40 -3.68
N PRO A 40 8.22 3.08 -2.44
CA PRO A 40 7.27 2.00 -2.16
C PRO A 40 5.86 2.32 -2.64
N ALA A 41 5.08 1.29 -2.91
CA ALA A 41 3.71 1.46 -3.36
C ALA A 41 2.78 1.79 -2.20
N GLN A 42 1.58 2.28 -2.52
CA GLN A 42 0.61 2.63 -1.50
C GLN A 42 -0.07 1.39 -0.93
N ASP A 43 -0.20 1.34 0.38
CA ASP A 43 -0.84 0.20 1.04
C ASP A 43 -2.20 -0.09 0.43
N ALA A 44 -2.45 -1.36 0.13
CA ALA A 44 -3.72 -1.78 -0.46
C ALA A 44 -4.72 -2.16 0.61
N VAL A 45 -5.92 -1.59 0.52
CA VAL A 45 -6.98 -1.87 1.50
C VAL A 45 -8.20 -2.46 0.81
N LYS A 46 -8.00 -3.04 -0.37
CA LYS A 46 -9.08 -3.65 -1.13
C LYS A 46 -8.59 -4.87 -1.90
N THR A 47 -9.53 -5.73 -2.29
CA THR A 47 -9.19 -6.94 -3.03
C THR A 47 -10.39 -7.44 -3.83
N CYS A 48 -10.24 -7.46 -5.15
CA CYS A 48 -11.31 -7.92 -6.01
C CYS A 48 -11.20 -9.45 -6.14
N VAL A 49 -12.35 -10.10 -6.12
CA VAL A 49 -12.42 -11.55 -6.24
C VAL A 49 -12.49 -11.98 -7.70
N THR A 50 -13.22 -11.21 -8.51
CA THR A 50 -13.37 -11.52 -9.92
C THR A 50 -12.10 -11.19 -10.69
N CYS A 51 -11.39 -10.17 -10.25
CA CYS A 51 -10.16 -9.76 -10.91
C CYS A 51 -9.02 -10.58 -10.31
N GLU A 52 -9.24 -11.05 -9.09
CA GLU A 52 -8.24 -11.85 -8.38
C GLU A 52 -6.95 -11.05 -8.17
N VAL A 53 -7.11 -9.81 -7.71
CA VAL A 53 -5.97 -8.94 -7.46
C VAL A 53 -6.27 -7.93 -6.36
N SER A 54 -5.26 -7.60 -5.57
CA SER A 54 -5.42 -6.66 -4.48
C SER A 54 -4.97 -5.26 -4.90
N TYR A 55 -5.84 -4.27 -4.66
CA TYR A 55 -5.54 -2.89 -5.02
C TYR A 55 -5.77 -1.96 -3.83
N CYS A 56 -5.44 -0.69 -4.02
CA CYS A 56 -5.62 0.29 -2.96
C CYS A 56 -6.91 1.07 -3.24
N ASP A 57 -6.98 2.26 -2.65
CA ASP A 57 -8.14 3.13 -2.82
C ASP A 57 -8.06 3.88 -4.15
N GLU A 58 -7.08 4.77 -4.26
CA GLU A 58 -6.90 5.56 -5.48
C GLU A 58 -7.00 4.67 -6.72
N CYS A 59 -6.13 3.68 -6.80
CA CYS A 59 -6.14 2.78 -7.94
C CYS A 59 -7.57 2.28 -8.16
N LEU A 60 -8.11 1.67 -7.11
CA LEU A 60 -9.47 1.14 -7.15
C LEU A 60 -10.44 2.18 -7.69
N LYS A 61 -10.14 3.45 -7.44
CA LYS A 61 -10.98 4.55 -7.89
C LYS A 61 -10.91 4.69 -9.41
N ALA A 62 -9.72 4.54 -9.96
CA ALA A 62 -9.51 4.66 -11.40
C ALA A 62 -9.91 3.37 -12.11
N THR A 63 -9.35 2.25 -11.66
CA THR A 63 -9.65 0.95 -12.25
C THR A 63 -11.10 0.55 -12.00
N HIS A 64 -11.53 0.69 -10.75
CA HIS A 64 -12.89 0.35 -10.37
C HIS A 64 -13.69 1.58 -9.98
N PRO A 65 -14.05 2.39 -10.98
CA PRO A 65 -14.82 3.63 -10.76
C PRO A 65 -16.26 3.36 -10.33
N ASN A 66 -16.57 3.74 -9.10
CA ASN A 66 -17.92 3.53 -8.57
C ASN A 66 -18.35 4.72 -7.71
N LYS A 67 -19.67 4.89 -7.57
CA LYS A 67 -20.21 5.99 -6.78
C LYS A 67 -20.28 5.61 -5.30
N LYS A 68 -20.10 4.34 -5.01
CA LYS A 68 -20.15 3.84 -3.64
C LYS A 68 -21.51 4.10 -3.01
N PRO A 69 -21.79 3.40 -1.90
CA PRO A 69 -20.85 2.45 -1.31
C PRO A 69 -20.68 1.19 -2.16
N PHE A 70 -19.43 0.83 -2.43
CA PHE A 70 -19.13 -0.34 -3.23
C PHE A 70 -20.20 -0.56 -4.31
N THR A 71 -20.32 0.42 -5.20
CA THR A 71 -21.30 0.34 -6.28
C THR A 71 -20.65 -0.07 -7.59
N GLY A 72 -19.46 -0.65 -7.49
CA GLY A 72 -18.75 -1.09 -8.69
C GLY A 72 -18.44 -2.56 -8.67
N HIS A 73 -17.20 -2.91 -8.34
CA HIS A 73 -16.78 -4.31 -8.29
C HIS A 73 -17.02 -4.90 -6.90
N ARG A 74 -16.77 -6.19 -6.77
CA ARG A 74 -16.97 -6.88 -5.50
C ARG A 74 -15.70 -6.81 -4.64
N LEU A 75 -15.72 -7.51 -3.52
CA LEU A 75 -14.57 -7.53 -2.62
C LEU A 75 -14.61 -8.77 -1.72
N ILE A 76 -13.73 -8.79 -0.72
CA ILE A 76 -13.67 -9.91 0.22
C ILE A 76 -15.04 -10.21 0.81
N GLU A 77 -15.40 -11.49 0.83
CA GLU A 77 -16.68 -11.90 1.39
C GLU A 77 -17.83 -11.13 0.73
N PRO A 78 -18.13 -11.46 -0.53
CA PRO A 78 -19.20 -10.80 -1.28
C PRO A 78 -20.59 -11.16 -0.76
N GLN A 1 -9.13 30.37 64.57
CA GLN A 1 -9.33 29.60 63.35
C GLN A 1 -8.15 29.77 62.40
N LYS A 2 -6.94 29.65 62.93
CA LYS A 2 -5.74 29.79 62.14
C LYS A 2 -5.29 28.44 61.58
N ALA A 3 -4.52 28.48 60.50
CA ALA A 3 -4.03 27.25 59.87
C ALA A 3 -3.14 27.57 58.68
N SER A 4 -2.11 26.75 58.48
CA SER A 4 -1.18 26.94 57.38
C SER A 4 -1.10 25.69 56.50
N VAL A 5 -1.71 25.76 55.32
CA VAL A 5 -1.71 24.64 54.40
C VAL A 5 -0.74 24.89 53.23
N SER A 6 0.53 24.54 53.44
CA SER A 6 1.54 24.73 52.42
C SER A 6 2.02 23.38 51.88
N GLY A 7 2.02 23.25 50.56
CA GLY A 7 2.45 22.01 49.94
C GLY A 7 2.25 22.00 48.43
N PRO A 8 3.03 22.82 47.73
CA PRO A 8 2.95 22.94 46.27
C PRO A 8 3.45 21.68 45.56
N ASN A 9 3.48 21.72 44.23
CA ASN A 9 3.94 20.59 43.44
C ASN A 9 4.45 21.05 42.08
N SER A 10 5.77 21.07 41.93
CA SER A 10 6.39 21.50 40.67
C SER A 10 7.45 20.49 40.22
N PRO A 11 6.99 19.29 39.82
CA PRO A 11 7.88 18.23 39.35
C PRO A 11 8.52 18.55 38.01
N SER A 12 9.85 18.52 37.97
CA SER A 12 10.59 18.82 36.75
C SER A 12 10.51 17.64 35.77
N GLU A 13 9.62 17.75 34.79
CA GLU A 13 9.45 16.69 33.80
C GLU A 13 10.66 16.62 32.88
N THR A 14 10.92 15.43 32.34
CA THR A 14 12.04 15.23 31.43
C THR A 14 11.73 14.14 30.41
N ARG A 15 11.51 14.55 29.16
CA ARG A 15 11.20 13.61 28.09
C ARG A 15 12.48 13.05 27.48
N ARG A 16 12.34 12.05 26.61
CA ARG A 16 13.48 11.43 25.96
C ARG A 16 13.37 11.55 24.44
N GLU A 17 14.53 11.59 23.78
CA GLU A 17 14.56 11.71 22.32
C GLU A 17 14.79 10.35 21.67
N ARG A 18 14.76 10.33 20.35
CA ARG A 18 14.96 9.09 19.60
C ARG A 18 13.86 8.08 19.92
N ALA A 19 13.85 6.96 19.19
CA ALA A 19 12.86 5.92 19.40
C ALA A 19 13.26 4.63 18.70
N PHE A 20 13.65 4.74 17.44
CA PHE A 20 14.06 3.58 16.66
C PHE A 20 12.90 2.60 16.49
N ASP A 21 13.03 1.71 15.51
CA ASP A 21 12.00 0.71 15.25
C ASP A 21 12.35 -0.62 15.90
N ALA A 22 11.49 -1.08 16.81
CA ALA A 22 11.72 -2.34 17.49
C ALA A 22 10.68 -3.39 17.07
N ASN A 23 10.20 -3.27 15.83
CA ASN A 23 9.20 -4.19 15.31
C ASN A 23 9.65 -4.77 13.97
N THR A 24 10.03 -6.04 13.97
CA THR A 24 10.47 -6.71 12.75
C THR A 24 9.46 -6.54 11.63
N MET A 25 9.82 -5.75 10.61
CA MET A 25 8.94 -5.51 9.48
C MET A 25 9.69 -5.68 8.17
N THR A 26 9.50 -6.84 7.52
CA THR A 26 10.16 -7.13 6.26
C THR A 26 9.16 -7.17 5.11
N SER A 27 8.12 -6.35 5.20
CA SER A 27 7.09 -6.30 4.18
C SER A 27 6.47 -7.67 3.96
N ALA A 28 6.50 -8.49 5.01
CA ALA A 28 5.95 -9.84 4.95
C ALA A 28 4.74 -9.98 5.86
N GLU A 29 4.03 -8.88 6.06
CA GLU A 29 2.85 -8.87 6.93
C GLU A 29 1.67 -8.20 6.24
N LYS A 30 1.78 -6.89 6.03
CA LYS A 30 0.72 -6.12 5.38
C LYS A 30 0.63 -6.47 3.90
N VAL A 31 -0.27 -5.80 3.19
CA VAL A 31 -0.46 -6.03 1.77
C VAL A 31 0.07 -4.87 0.94
N LEU A 32 0.44 -5.15 -0.30
CA LEU A 32 0.97 -4.12 -1.19
C LEU A 32 0.14 -4.04 -2.47
N CYS A 33 0.04 -2.84 -3.03
CA CYS A 33 -0.72 -2.64 -4.25
C CYS A 33 0.20 -2.95 -5.44
N GLN A 34 -0.16 -3.99 -6.18
CA GLN A 34 0.61 -4.40 -7.34
C GLN A 34 0.43 -3.42 -8.49
N PHE A 35 -0.71 -2.74 -8.52
CA PHE A 35 -1.00 -1.76 -9.56
C PHE A 35 -0.28 -0.45 -9.29
N CYS A 36 0.08 -0.22 -8.03
CA CYS A 36 0.78 1.00 -7.66
C CYS A 36 2.13 1.02 -8.37
N ASP A 37 2.66 2.23 -8.52
CA ASP A 37 3.95 2.41 -9.18
C ASP A 37 4.77 3.48 -8.48
N GLN A 38 4.51 3.67 -7.19
CA GLN A 38 5.22 4.67 -6.39
C GLN A 38 6.68 4.25 -6.18
N ASP A 39 6.88 3.01 -5.75
CA ASP A 39 8.21 2.49 -5.49
C ASP A 39 8.90 3.26 -4.38
N PRO A 40 8.65 2.85 -3.13
CA PRO A 40 7.76 1.72 -2.83
C PRO A 40 6.29 2.04 -3.13
N ALA A 41 5.52 0.99 -3.41
CA ALA A 41 4.10 1.15 -3.71
C ALA A 41 3.29 1.38 -2.44
N GLN A 42 2.13 2.01 -2.58
CA GLN A 42 1.26 2.28 -1.44
C GLN A 42 0.56 1.02 -0.97
N ASP A 43 0.51 0.83 0.35
CA ASP A 43 -0.14 -0.35 0.92
C ASP A 43 -1.55 -0.51 0.37
N ALA A 44 -1.89 -1.74 -0.02
CA ALA A 44 -3.20 -2.04 -0.55
C ALA A 44 -4.15 -2.53 0.54
N VAL A 45 -5.29 -1.88 0.67
CA VAL A 45 -6.28 -2.26 1.68
C VAL A 45 -7.55 -2.81 1.02
N LYS A 46 -7.41 -3.32 -0.19
CA LYS A 46 -8.54 -3.88 -0.91
C LYS A 46 -8.11 -5.08 -1.75
N THR A 47 -9.08 -5.90 -2.16
CA THR A 47 -8.80 -7.08 -2.97
C THR A 47 -10.05 -7.54 -3.70
N CYS A 48 -10.07 -7.34 -5.02
CA CYS A 48 -11.21 -7.75 -5.82
C CYS A 48 -11.00 -9.20 -6.24
N VAL A 49 -11.86 -10.06 -5.69
CA VAL A 49 -11.81 -11.49 -5.99
C VAL A 49 -11.99 -11.76 -7.48
N THR A 50 -12.93 -11.04 -8.08
CA THR A 50 -13.21 -11.20 -9.51
C THR A 50 -11.98 -10.83 -10.35
N CYS A 51 -11.20 -9.88 -9.86
CA CYS A 51 -10.01 -9.45 -10.57
C CYS A 51 -8.85 -10.38 -10.19
N GLU A 52 -9.01 -11.00 -9.02
CA GLU A 52 -7.99 -11.92 -8.51
C GLU A 52 -6.68 -11.19 -8.23
N VAL A 53 -6.79 -9.95 -7.77
CA VAL A 53 -5.63 -9.13 -7.45
C VAL A 53 -5.91 -8.15 -6.34
N SER A 54 -4.91 -7.88 -5.51
CA SER A 54 -5.07 -6.96 -4.39
C SER A 54 -4.65 -5.55 -4.80
N TYR A 55 -5.52 -4.58 -4.51
CA TYR A 55 -5.25 -3.18 -4.85
C TYR A 55 -5.45 -2.29 -3.64
N CYS A 56 -5.14 -1.01 -3.81
CA CYS A 56 -5.29 -0.06 -2.72
C CYS A 56 -6.58 0.75 -2.95
N ASP A 57 -6.66 1.89 -2.31
CA ASP A 57 -7.83 2.77 -2.42
C ASP A 57 -7.77 3.59 -3.71
N GLU A 58 -6.77 4.46 -3.79
CA GLU A 58 -6.60 5.30 -4.97
C GLU A 58 -6.81 4.50 -6.26
N CYS A 59 -5.99 3.48 -6.44
CA CYS A 59 -6.10 2.64 -7.63
C CYS A 59 -7.55 2.20 -7.78
N LEU A 60 -8.06 1.58 -6.73
CA LEU A 60 -9.45 1.11 -6.72
C LEU A 60 -10.41 2.22 -7.14
N LYS A 61 -10.01 3.45 -6.88
CA LYS A 61 -10.84 4.60 -7.23
C LYS A 61 -10.84 4.83 -8.74
N ALA A 62 -9.69 4.63 -9.36
CA ALA A 62 -9.57 4.80 -10.81
C ALA A 62 -10.09 3.59 -11.56
N THR A 63 -9.62 2.41 -11.16
CA THR A 63 -10.04 1.16 -11.80
C THR A 63 -11.49 0.84 -11.45
N HIS A 64 -11.82 0.93 -10.17
CA HIS A 64 -13.18 0.65 -9.72
C HIS A 64 -13.86 1.91 -9.21
N PRO A 65 -14.29 2.77 -10.14
CA PRO A 65 -14.97 4.03 -9.82
C PRO A 65 -16.36 3.81 -9.23
N ASN A 66 -16.42 3.58 -7.92
CA ASN A 66 -17.69 3.35 -7.25
C ASN A 66 -18.67 4.49 -7.51
N LYS A 67 -19.89 4.35 -7.03
CA LYS A 67 -20.92 5.36 -7.21
C LYS A 67 -21.56 5.73 -5.88
N LYS A 68 -22.49 4.89 -5.42
CA LYS A 68 -23.18 5.13 -4.16
C LYS A 68 -24.23 4.06 -3.91
N PRO A 69 -23.92 3.11 -3.00
CA PRO A 69 -22.64 3.11 -2.28
C PRO A 69 -21.47 2.76 -3.18
N PHE A 70 -21.61 1.68 -3.95
CA PHE A 70 -20.57 1.24 -4.85
C PHE A 70 -21.16 0.77 -6.18
N THR A 71 -22.07 -0.19 -6.11
CA THR A 71 -22.72 -0.73 -7.31
C THR A 71 -21.72 -0.82 -8.46
N GLY A 72 -20.52 -1.30 -8.16
CA GLY A 72 -19.50 -1.44 -9.19
C GLY A 72 -18.98 -2.86 -9.29
N HIS A 73 -17.85 -3.11 -8.63
CA HIS A 73 -17.24 -4.44 -8.66
C HIS A 73 -17.37 -5.13 -7.30
N ARG A 74 -16.75 -6.30 -7.18
CA ARG A 74 -16.81 -7.05 -5.92
C ARG A 74 -15.59 -6.74 -5.06
N LEU A 75 -15.55 -7.33 -3.86
CA LEU A 75 -14.45 -7.11 -2.94
C LEU A 75 -14.34 -8.27 -1.95
N ILE A 76 -13.51 -8.09 -0.93
CA ILE A 76 -13.31 -9.11 0.09
C ILE A 76 -14.65 -9.57 0.66
N GLU A 77 -14.92 -10.87 0.54
CA GLU A 77 -16.16 -11.45 1.04
C GLU A 77 -16.39 -11.06 2.50
N PRO A 78 -17.65 -11.16 2.95
CA PRO A 78 -18.02 -10.82 4.34
C PRO A 78 -17.47 -11.81 5.34
N GLN A 1 23.40 46.84 49.35
CA GLN A 1 24.08 47.28 48.14
C GLN A 1 25.21 46.31 47.77
N LYS A 2 24.90 45.02 47.78
CA LYS A 2 25.89 44.00 47.46
C LYS A 2 26.12 43.91 45.95
N ALA A 3 27.28 43.44 45.56
CA ALA A 3 27.62 43.32 44.15
C ALA A 3 28.52 42.11 43.90
N SER A 4 28.23 41.36 42.85
CA SER A 4 29.01 40.17 42.51
C SER A 4 28.74 39.73 41.07
N VAL A 5 29.80 39.27 40.40
CA VAL A 5 29.67 38.82 39.01
C VAL A 5 28.95 37.48 38.93
N SER A 6 28.29 37.23 37.81
CA SER A 6 27.57 35.99 37.61
C SER A 6 27.87 35.39 36.24
N GLY A 7 27.39 34.18 36.00
CA GLY A 7 27.62 33.52 34.72
C GLY A 7 26.38 32.81 34.21
N PRO A 8 25.36 33.59 33.84
CA PRO A 8 24.10 33.04 33.32
C PRO A 8 24.25 32.43 31.93
N ASN A 9 23.57 31.31 31.71
CA ASN A 9 23.63 30.62 30.43
C ASN A 9 22.25 30.21 29.96
N SER A 10 21.76 30.87 28.92
CA SER A 10 20.44 30.57 28.37
C SER A 10 20.39 29.17 27.78
N PRO A 11 19.18 28.62 27.62
CA PRO A 11 18.98 27.29 27.05
C PRO A 11 19.31 27.22 25.57
N SER A 12 19.80 26.07 25.12
CA SER A 12 20.16 25.89 23.73
C SER A 12 19.76 24.50 23.23
N GLU A 13 19.85 24.28 21.93
CA GLU A 13 19.51 23.01 21.34
C GLU A 13 20.73 22.29 20.78
N THR A 14 21.52 21.71 21.67
CA THR A 14 22.73 20.99 21.28
C THR A 14 22.55 19.48 21.39
N ARG A 15 21.37 19.00 20.99
CA ARG A 15 21.07 17.58 21.04
C ARG A 15 19.76 17.28 20.32
N ARG A 16 19.80 16.29 19.43
CA ARG A 16 18.61 15.91 18.68
C ARG A 16 18.47 14.39 18.64
N GLU A 17 17.70 13.84 19.59
CA GLU A 17 17.49 12.40 19.66
C GLU A 17 16.29 11.99 18.80
N ARG A 18 16.45 10.89 18.08
CA ARG A 18 15.39 10.38 17.20
C ARG A 18 14.97 8.98 17.63
N ALA A 19 13.77 8.88 18.17
CA ALA A 19 13.24 7.59 18.62
C ALA A 19 12.10 7.12 17.71
N PHE A 20 12.11 5.83 17.38
CA PHE A 20 11.08 5.26 16.52
C PHE A 20 11.00 6.01 15.19
N ASP A 21 12.14 6.53 14.75
CA ASP A 21 12.20 7.26 13.49
C ASP A 21 13.61 7.18 12.89
N ALA A 22 13.68 6.70 11.65
CA ALA A 22 14.96 6.56 10.97
C ALA A 22 15.94 5.72 11.78
N ASN A 23 15.96 4.42 11.49
CA ASN A 23 16.84 3.49 12.19
C ASN A 23 16.99 2.19 11.42
N THR A 24 17.99 1.40 11.79
CA THR A 24 18.24 0.13 11.14
C THR A 24 17.23 -0.93 11.57
N MET A 25 16.03 -0.85 11.02
CA MET A 25 14.97 -1.80 11.35
C MET A 25 14.04 -2.03 10.15
N THR A 26 13.04 -2.88 10.34
CA THR A 26 12.09 -3.18 9.28
C THR A 26 10.91 -2.22 9.32
N SER A 27 10.24 -2.07 8.17
CA SER A 27 9.09 -1.18 8.07
C SER A 27 7.83 -1.96 7.69
N ALA A 28 7.66 -3.12 8.30
CA ALA A 28 6.49 -3.96 8.02
C ALA A 28 6.40 -4.29 6.53
N GLU A 29 5.36 -5.03 6.17
CA GLU A 29 5.15 -5.42 4.78
C GLU A 29 3.74 -5.09 4.32
N LYS A 30 2.76 -5.79 4.88
CA LYS A 30 1.36 -5.58 4.53
C LYS A 30 1.11 -5.88 3.06
N VAL A 31 -0.16 -5.87 2.66
CA VAL A 31 -0.53 -6.14 1.28
C VAL A 31 -0.26 -4.92 0.39
N LEU A 32 0.89 -4.92 -0.26
CA LEU A 32 1.27 -3.81 -1.14
C LEU A 32 0.40 -3.80 -2.40
N CYS A 33 0.18 -2.61 -2.94
CA CYS A 33 -0.63 -2.48 -4.15
C CYS A 33 0.25 -2.81 -5.35
N GLN A 34 -0.12 -3.88 -6.04
CA GLN A 34 0.62 -4.31 -7.22
C GLN A 34 0.50 -3.29 -8.35
N PHE A 35 -0.71 -2.78 -8.55
CA PHE A 35 -0.95 -1.80 -9.60
C PHE A 35 -0.15 -0.53 -9.35
N CYS A 36 0.14 -0.26 -8.08
CA CYS A 36 0.89 0.93 -7.72
C CYS A 36 2.27 0.83 -8.36
N ASP A 37 2.90 1.99 -8.54
CA ASP A 37 4.23 2.06 -9.13
C ASP A 37 5.07 3.15 -8.47
N GLN A 38 4.75 3.45 -7.22
CA GLN A 38 5.47 4.47 -6.47
C GLN A 38 6.89 4.01 -6.15
N ASP A 39 7.00 2.78 -5.66
CA ASP A 39 8.31 2.21 -5.30
C ASP A 39 8.97 3.03 -4.20
N PRO A 40 8.62 2.71 -2.94
CA PRO A 40 7.67 1.63 -2.63
C PRO A 40 6.24 2.00 -3.03
N ALA A 41 5.44 0.98 -3.29
CA ALA A 41 4.04 1.19 -3.68
C ALA A 41 3.17 1.52 -2.48
N GLN A 42 2.03 2.13 -2.72
CA GLN A 42 1.11 2.50 -1.65
C GLN A 42 0.39 1.26 -1.10
N ASP A 43 0.39 1.14 0.22
CA ASP A 43 -0.26 0.01 0.88
C ASP A 43 -1.73 -0.09 0.48
N ALA A 44 -2.15 -1.26 0.05
CA ALA A 44 -3.54 -1.48 -0.36
C ALA A 44 -4.38 -1.93 0.82
N VAL A 45 -5.70 -1.76 0.70
CA VAL A 45 -6.63 -2.15 1.75
C VAL A 45 -7.88 -2.79 1.17
N LYS A 46 -7.78 -3.27 -0.07
CA LYS A 46 -8.92 -3.90 -0.74
C LYS A 46 -8.45 -5.08 -1.59
N THR A 47 -9.38 -5.97 -1.91
CA THR A 47 -9.07 -7.14 -2.72
C THR A 47 -10.28 -7.58 -3.54
N CYS A 48 -10.22 -7.39 -4.85
CA CYS A 48 -11.31 -7.77 -5.71
C CYS A 48 -11.08 -9.22 -6.16
N VAL A 49 -11.97 -10.10 -5.72
CA VAL A 49 -11.89 -11.51 -6.07
C VAL A 49 -12.02 -11.72 -7.57
N THR A 50 -12.94 -10.99 -8.19
CA THR A 50 -13.17 -11.10 -9.62
C THR A 50 -11.92 -10.70 -10.41
N CYS A 51 -11.16 -9.76 -9.85
CA CYS A 51 -9.95 -9.29 -10.50
C CYS A 51 -8.80 -10.23 -10.11
N GLU A 52 -9.00 -10.90 -8.98
CA GLU A 52 -7.99 -11.82 -8.46
C GLU A 52 -6.70 -11.09 -8.10
N VAL A 53 -6.85 -9.83 -7.69
CA VAL A 53 -5.69 -9.02 -7.32
C VAL A 53 -6.07 -7.97 -6.28
N SER A 54 -5.15 -7.67 -5.37
CA SER A 54 -5.39 -6.69 -4.33
C SER A 54 -4.89 -5.31 -4.75
N TYR A 55 -5.76 -4.31 -4.62
CA TYR A 55 -5.42 -2.94 -4.99
C TYR A 55 -5.67 -1.98 -3.83
N CYS A 56 -5.31 -0.72 -4.02
CA CYS A 56 -5.50 0.28 -2.99
C CYS A 56 -6.66 1.18 -3.41
N ASP A 57 -7.05 2.07 -2.49
CA ASP A 57 -8.14 2.99 -2.75
C ASP A 57 -7.89 3.81 -4.01
N GLU A 58 -6.71 4.43 -4.07
CA GLU A 58 -6.33 5.24 -5.23
C GLU A 58 -6.62 4.50 -6.53
N CYS A 59 -5.89 3.43 -6.76
CA CYS A 59 -6.06 2.64 -7.97
C CYS A 59 -7.55 2.26 -8.09
N LEU A 60 -8.07 1.72 -7.00
CA LEU A 60 -9.47 1.31 -6.96
C LEU A 60 -10.38 2.42 -7.46
N LYS A 61 -9.93 3.67 -7.31
CA LYS A 61 -10.70 4.82 -7.74
C LYS A 61 -10.73 4.91 -9.27
N ALA A 62 -9.59 4.66 -9.89
CA ALA A 62 -9.49 4.70 -11.35
C ALA A 62 -10.03 3.41 -11.97
N THR A 63 -9.53 2.28 -11.50
CA THR A 63 -9.95 0.97 -12.00
C THR A 63 -11.40 0.70 -11.65
N HIS A 64 -11.76 0.93 -10.39
CA HIS A 64 -13.12 0.70 -9.92
C HIS A 64 -13.80 2.01 -9.55
N PRO A 65 -14.17 2.80 -10.57
CA PRO A 65 -14.82 4.10 -10.38
C PRO A 65 -16.25 3.95 -9.84
N ASN A 66 -16.99 5.06 -9.83
CA ASN A 66 -18.37 5.04 -9.34
C ASN A 66 -18.41 4.71 -7.85
N LYS A 67 -19.48 5.15 -7.18
CA LYS A 67 -19.64 4.90 -5.76
C LYS A 67 -21.13 4.82 -5.39
N LYS A 68 -21.44 4.06 -4.36
CA LYS A 68 -22.81 3.90 -3.90
C LYS A 68 -23.65 3.17 -4.95
N PRO A 69 -24.49 2.24 -4.49
CA PRO A 69 -24.62 1.92 -3.06
C PRO A 69 -23.39 1.21 -2.52
N PHE A 70 -22.48 0.84 -3.42
CA PHE A 70 -21.25 0.16 -3.03
C PHE A 70 -20.04 0.74 -3.76
N THR A 71 -19.92 0.43 -5.04
CA THR A 71 -18.81 0.93 -5.86
C THR A 71 -18.89 0.38 -7.28
N GLY A 72 -19.41 -0.83 -7.42
CA GLY A 72 -19.53 -1.44 -8.73
C GLY A 72 -19.08 -2.89 -8.74
N HIS A 73 -17.78 -3.09 -8.54
CA HIS A 73 -17.22 -4.44 -8.53
C HIS A 73 -17.46 -5.12 -7.19
N ARG A 74 -16.87 -6.30 -7.01
CA ARG A 74 -17.03 -7.05 -5.77
C ARG A 74 -15.84 -6.82 -4.83
N LEU A 75 -15.77 -7.62 -3.78
CA LEU A 75 -14.68 -7.50 -2.81
C LEU A 75 -14.62 -8.74 -1.91
N ILE A 76 -13.82 -8.65 -0.85
CA ILE A 76 -13.67 -9.76 0.07
C ILE A 76 -15.03 -10.24 0.58
N GLU A 77 -15.27 -11.54 0.47
CA GLU A 77 -16.53 -12.12 0.91
C GLU A 77 -16.83 -11.74 2.36
N PRO A 78 -18.11 -11.86 2.75
CA PRO A 78 -18.55 -11.53 4.10
C PRO A 78 -18.03 -12.52 5.14
N GLN A 1 19.06 35.87 62.51
CA GLN A 1 18.52 35.86 63.87
C GLN A 1 17.18 35.14 63.92
N LYS A 2 17.04 34.24 64.89
CA LYS A 2 15.81 33.48 65.05
C LYS A 2 15.45 32.74 63.76
N ALA A 3 16.42 31.99 63.22
CA ALA A 3 16.19 31.25 61.99
C ALA A 3 17.05 29.98 61.96
N SER A 4 16.43 28.86 61.60
CA SER A 4 17.15 27.58 61.54
C SER A 4 16.22 26.46 61.08
N VAL A 5 16.05 26.35 59.77
CA VAL A 5 15.19 25.32 59.20
C VAL A 5 15.83 24.70 57.96
N SER A 6 15.47 23.46 57.67
CA SER A 6 16.01 22.75 56.52
C SER A 6 15.35 23.25 55.22
N GLY A 7 15.62 22.54 54.13
CA GLY A 7 15.05 22.92 52.84
C GLY A 7 13.88 22.04 52.44
N PRO A 8 13.41 22.21 51.20
CA PRO A 8 12.28 21.44 50.68
C PRO A 8 12.65 19.98 50.42
N ASN A 9 11.70 19.08 50.68
CA ASN A 9 11.93 17.66 50.49
C ASN A 9 11.63 17.25 49.05
N SER A 10 12.69 16.99 48.28
CA SER A 10 12.53 16.58 46.89
C SER A 10 13.67 15.66 46.46
N PRO A 11 13.67 14.43 47.01
CA PRO A 11 14.68 13.43 46.70
C PRO A 11 14.56 12.89 45.28
N SER A 12 15.31 13.50 44.36
CA SER A 12 15.28 13.09 42.96
C SER A 12 16.13 11.84 42.75
N GLU A 13 15.89 11.16 41.63
CA GLU A 13 16.64 9.94 41.31
C GLU A 13 16.69 9.72 39.79
N THR A 14 17.83 9.23 39.31
CA THR A 14 18.00 8.97 37.89
C THR A 14 17.62 7.54 37.54
N ARG A 15 16.99 7.36 36.38
CA ARG A 15 16.58 6.04 35.93
C ARG A 15 17.21 5.70 34.59
N ARG A 16 17.10 4.43 34.19
CA ARG A 16 17.67 3.99 32.92
C ARG A 16 16.65 3.15 32.14
N GLU A 17 16.65 3.30 30.82
CA GLU A 17 15.74 2.56 29.97
C GLU A 17 16.47 1.98 28.76
N ARG A 18 16.01 0.81 28.31
CA ARG A 18 16.62 0.15 27.16
C ARG A 18 15.82 0.41 25.89
N ALA A 19 16.52 0.50 24.76
CA ALA A 19 15.87 0.74 23.48
C ALA A 19 16.32 -0.27 22.43
N PHE A 20 15.42 -0.63 21.53
CA PHE A 20 15.72 -1.60 20.48
C PHE A 20 15.89 -0.89 19.14
N ASP A 21 16.15 -1.67 18.09
CA ASP A 21 16.33 -1.13 16.76
C ASP A 21 15.78 -2.08 15.71
N ALA A 22 15.96 -1.73 14.44
CA ALA A 22 15.49 -2.56 13.33
C ALA A 22 16.07 -2.09 12.01
N ASN A 23 16.38 -3.05 11.13
CA ASN A 23 16.95 -2.73 9.82
C ASN A 23 16.59 -3.81 8.81
N THR A 24 15.34 -4.28 8.87
CA THR A 24 14.87 -5.31 7.94
C THR A 24 13.56 -4.89 7.29
N MET A 25 13.52 -4.94 5.96
CA MET A 25 12.33 -4.58 5.21
C MET A 25 11.56 -5.82 4.77
N THR A 26 12.28 -6.93 4.64
CA THR A 26 11.66 -8.18 4.23
C THR A 26 10.86 -8.00 2.95
N SER A 27 10.11 -9.04 2.57
CA SER A 27 9.29 -9.00 1.36
C SER A 27 8.36 -7.78 1.38
N ALA A 28 7.47 -7.75 2.36
CA ALA A 28 6.51 -6.65 2.50
C ALA A 28 5.63 -6.85 3.72
N GLU A 29 5.31 -8.09 4.03
CA GLU A 29 4.46 -8.41 5.17
C GLU A 29 3.01 -8.01 4.91
N LYS A 30 2.77 -6.70 4.85
CA LYS A 30 1.43 -6.19 4.60
C LYS A 30 1.06 -6.32 3.13
N VAL A 31 -0.24 -6.23 2.84
CA VAL A 31 -0.71 -6.34 1.46
C VAL A 31 -0.40 -5.08 0.67
N LEU A 32 0.56 -5.19 -0.24
CA LEU A 32 0.96 -4.06 -1.08
C LEU A 32 0.13 -4.01 -2.36
N CYS A 33 -0.03 -2.81 -2.90
CA CYS A 33 -0.79 -2.64 -4.12
C CYS A 33 0.11 -3.00 -5.30
N GLN A 34 -0.28 -4.07 -6.00
CA GLN A 34 0.47 -4.53 -7.16
C GLN A 34 0.33 -3.57 -8.34
N PHE A 35 -0.81 -2.88 -8.39
CA PHE A 35 -1.08 -1.93 -9.46
C PHE A 35 -0.31 -0.63 -9.24
N CYS A 36 0.04 -0.36 -7.98
CA CYS A 36 0.76 0.85 -7.65
C CYS A 36 2.10 0.82 -8.38
N ASP A 37 2.67 2.01 -8.57
CA ASP A 37 3.95 2.15 -9.26
C ASP A 37 4.73 3.33 -8.70
N GLN A 38 4.46 3.69 -7.45
CA GLN A 38 5.14 4.80 -6.80
C GLN A 38 6.60 4.46 -6.54
N ASP A 39 6.84 3.29 -5.96
CA ASP A 39 8.20 2.86 -5.65
C ASP A 39 8.86 3.79 -4.65
N PRO A 40 8.61 3.52 -3.35
CA PRO A 40 7.78 2.41 -2.92
C PRO A 40 6.31 2.63 -3.25
N ALA A 41 5.57 1.53 -3.38
CA ALA A 41 4.14 1.60 -3.69
C ALA A 41 3.32 1.94 -2.45
N GLN A 42 2.02 2.12 -2.64
CA GLN A 42 1.13 2.45 -1.54
C GLN A 42 0.44 1.19 -0.99
N ASP A 43 0.29 1.12 0.32
CA ASP A 43 -0.36 -0.02 0.95
C ASP A 43 -1.80 -0.18 0.45
N ALA A 44 -2.17 -1.42 0.12
CA ALA A 44 -3.51 -1.70 -0.36
C ALA A 44 -4.45 -2.04 0.78
N VAL A 45 -5.68 -1.53 0.72
CA VAL A 45 -6.66 -1.80 1.75
C VAL A 45 -7.94 -2.40 1.17
N LYS A 46 -7.80 -3.00 -0.02
CA LYS A 46 -8.93 -3.61 -0.70
C LYS A 46 -8.49 -4.86 -1.46
N THR A 47 -9.47 -5.65 -1.91
CA THR A 47 -9.19 -6.87 -2.66
C THR A 47 -10.40 -7.33 -3.44
N CYS A 48 -10.38 -7.11 -4.75
CA CYS A 48 -11.48 -7.51 -5.60
C CYS A 48 -11.36 -9.00 -5.89
N VAL A 49 -12.24 -9.77 -5.28
CA VAL A 49 -12.25 -11.22 -5.45
C VAL A 49 -12.49 -11.59 -6.91
N THR A 50 -13.24 -10.75 -7.61
CA THR A 50 -13.54 -11.00 -9.02
C THR A 50 -12.32 -10.77 -9.89
N CYS A 51 -11.49 -9.82 -9.50
CA CYS A 51 -10.29 -9.51 -10.26
C CYS A 51 -9.17 -10.44 -9.78
N GLU A 52 -9.36 -10.98 -8.58
CA GLU A 52 -8.39 -11.90 -7.99
C GLU A 52 -7.07 -11.18 -7.73
N VAL A 53 -7.16 -9.90 -7.32
CA VAL A 53 -5.97 -9.11 -7.04
C VAL A 53 -6.26 -8.06 -5.98
N SER A 54 -5.27 -7.77 -5.15
CA SER A 54 -5.41 -6.78 -4.09
C SER A 54 -4.94 -5.41 -4.55
N TYR A 55 -5.78 -4.39 -4.35
CA TYR A 55 -5.43 -3.04 -4.75
C TYR A 55 -5.65 -2.07 -3.59
N CYS A 56 -5.29 -0.80 -3.82
CA CYS A 56 -5.43 0.21 -2.79
C CYS A 56 -6.68 1.04 -3.11
N ASP A 57 -6.73 2.23 -2.53
CA ASP A 57 -7.85 3.14 -2.73
C ASP A 57 -7.72 3.87 -4.06
N GLU A 58 -6.68 4.72 -4.17
CA GLU A 58 -6.44 5.48 -5.38
C GLU A 58 -6.64 4.61 -6.62
N CYS A 59 -5.85 3.54 -6.72
CA CYS A 59 -5.95 2.64 -7.85
C CYS A 59 -7.41 2.25 -8.04
N LEU A 60 -7.98 1.70 -6.97
CA LEU A 60 -9.38 1.27 -6.98
C LEU A 60 -10.29 2.38 -7.51
N LYS A 61 -9.86 3.63 -7.30
CA LYS A 61 -10.63 4.78 -7.75
C LYS A 61 -10.59 4.90 -9.27
N ALA A 62 -9.42 4.65 -9.86
CA ALA A 62 -9.26 4.72 -11.30
C ALA A 62 -9.77 3.45 -11.97
N THR A 63 -9.31 2.30 -11.50
CA THR A 63 -9.73 1.02 -12.06
C THR A 63 -11.20 0.73 -11.76
N HIS A 64 -11.59 0.95 -10.50
CA HIS A 64 -12.96 0.71 -10.09
C HIS A 64 -13.64 2.02 -9.70
N PRO A 65 -13.97 2.83 -10.71
CA PRO A 65 -14.63 4.12 -10.50
C PRO A 65 -16.07 3.97 -10.02
N ASN A 66 -16.56 4.98 -9.29
CA ASN A 66 -17.92 4.96 -8.77
C ASN A 66 -18.08 3.87 -7.71
N LYS A 67 -18.77 4.20 -6.63
CA LYS A 67 -19.00 3.25 -5.54
C LYS A 67 -19.84 3.89 -4.44
N LYS A 68 -21.03 3.35 -4.22
CA LYS A 68 -21.93 3.86 -3.20
C LYS A 68 -23.18 2.99 -3.10
N PRO A 69 -23.10 1.90 -2.31
CA PRO A 69 -21.87 1.55 -1.58
C PRO A 69 -20.76 1.09 -2.52
N PHE A 70 -21.10 0.17 -3.43
CA PHE A 70 -20.12 -0.34 -4.38
C PHE A 70 -20.80 -0.76 -5.68
N THR A 71 -21.42 0.21 -6.34
CA THR A 71 -22.12 -0.05 -7.60
C THR A 71 -21.14 -0.48 -8.68
N GLY A 72 -19.86 -0.20 -8.47
CA GLY A 72 -18.84 -0.58 -9.43
C GLY A 72 -18.53 -2.06 -9.41
N HIS A 73 -17.51 -2.45 -8.65
CA HIS A 73 -17.12 -3.84 -8.53
C HIS A 73 -17.43 -4.38 -7.15
N ARG A 74 -17.01 -5.63 -6.89
CA ARG A 74 -17.25 -6.26 -5.61
C ARG A 74 -15.95 -6.41 -4.82
N LEU A 75 -16.01 -7.16 -3.73
CA LEU A 75 -14.83 -7.39 -2.89
C LEU A 75 -14.86 -8.79 -2.29
N ILE A 76 -13.95 -9.04 -1.35
CA ILE A 76 -13.86 -10.34 -0.69
C ILE A 76 -15.22 -10.77 -0.16
N GLU A 77 -15.58 -12.03 -0.43
CA GLU A 77 -16.85 -12.57 0.03
C GLU A 77 -17.04 -12.34 1.53
N PRO A 78 -18.30 -12.41 1.98
CA PRO A 78 -18.64 -12.22 3.40
C PRO A 78 -18.14 -13.36 4.27
N GLN A 1 32.67 45.84 -23.88
CA GLN A 1 33.48 44.89 -23.12
C GLN A 1 32.68 43.64 -22.79
N LYS A 2 31.97 43.12 -23.78
CA LYS A 2 31.15 41.92 -23.60
C LYS A 2 31.86 40.69 -24.17
N ALA A 3 32.03 39.67 -23.34
CA ALA A 3 32.68 38.45 -23.77
C ALA A 3 32.10 37.24 -23.05
N SER A 4 32.69 36.07 -23.29
CA SER A 4 32.22 34.83 -22.66
C SER A 4 33.24 33.72 -22.84
N VAL A 5 33.44 32.93 -21.79
CA VAL A 5 34.39 31.82 -21.82
C VAL A 5 33.67 30.48 -21.83
N SER A 6 34.43 29.41 -22.03
CA SER A 6 33.87 28.07 -22.07
C SER A 6 34.57 27.15 -21.08
N GLY A 7 33.80 26.45 -20.26
CA GLY A 7 34.36 25.55 -19.28
C GLY A 7 33.60 24.24 -19.19
N PRO A 8 33.75 23.39 -20.21
CA PRO A 8 33.08 22.08 -20.27
C PRO A 8 33.64 21.10 -19.24
N ASN A 9 33.06 19.90 -19.21
CA ASN A 9 33.50 18.87 -18.27
C ASN A 9 33.79 17.56 -19.01
N SER A 10 34.88 16.91 -18.63
CA SER A 10 35.27 15.64 -19.25
C SER A 10 35.30 14.53 -18.23
N PRO A 11 34.11 14.11 -17.77
CA PRO A 11 33.98 13.03 -16.77
C PRO A 11 34.35 11.66 -17.34
N SER A 12 35.14 10.92 -16.59
CA SER A 12 35.57 9.60 -17.02
C SER A 12 34.37 8.72 -17.37
N GLU A 13 34.50 7.96 -18.46
CA GLU A 13 33.42 7.08 -18.90
C GLU A 13 33.37 5.81 -18.06
N THR A 14 32.20 5.19 -18.00
CA THR A 14 32.01 3.97 -17.24
C THR A 14 30.68 3.30 -17.55
N ARG A 15 30.58 2.02 -17.28
CA ARG A 15 29.35 1.27 -17.53
C ARG A 15 29.01 0.35 -16.36
N ARG A 16 27.80 -0.18 -16.37
CA ARG A 16 27.35 -1.07 -15.30
C ARG A 16 26.02 -1.73 -15.67
N GLU A 17 25.72 -2.84 -15.01
CA GLU A 17 24.48 -3.57 -15.26
C GLU A 17 23.40 -3.17 -14.26
N ARG A 18 22.16 -3.58 -14.53
CA ARG A 18 21.05 -3.28 -13.65
C ARG A 18 19.83 -4.13 -14.00
N ALA A 19 19.09 -4.54 -12.97
CA ALA A 19 17.90 -5.36 -13.17
C ALA A 19 16.64 -4.61 -12.76
N PHE A 20 15.56 -4.82 -13.51
CA PHE A 20 14.29 -4.16 -13.22
C PHE A 20 13.13 -5.15 -13.33
N ASP A 21 13.00 -6.01 -12.32
CA ASP A 21 11.93 -7.00 -12.30
C ASP A 21 11.41 -7.20 -10.88
N ALA A 22 10.14 -7.55 -10.77
CA ALA A 22 9.51 -7.77 -9.48
C ALA A 22 8.22 -8.59 -9.62
N ASN A 23 8.28 -9.84 -9.18
CA ASN A 23 7.12 -10.72 -9.25
C ASN A 23 7.05 -11.64 -8.03
N THR A 24 6.74 -11.06 -6.88
CA THR A 24 6.64 -11.82 -5.64
C THR A 24 5.50 -11.32 -4.77
N MET A 25 4.86 -12.23 -4.05
CA MET A 25 3.74 -11.87 -3.18
C MET A 25 4.19 -11.84 -1.72
N THR A 26 5.34 -11.22 -1.47
CA THR A 26 5.88 -11.12 -0.12
C THR A 26 7.10 -10.22 -0.08
N SER A 27 6.87 -8.91 -0.22
CA SER A 27 7.95 -7.94 -0.20
C SER A 27 8.02 -7.22 1.14
N ALA A 28 6.87 -6.68 1.56
CA ALA A 28 6.80 -5.96 2.84
C ALA A 28 5.78 -6.60 3.77
N GLU A 29 5.52 -7.89 3.56
CA GLU A 29 4.56 -8.62 4.38
C GLU A 29 3.13 -8.19 4.06
N LYS A 30 2.80 -6.96 4.44
CA LYS A 30 1.47 -6.42 4.19
C LYS A 30 1.12 -6.48 2.71
N VAL A 31 -0.17 -6.59 2.41
CA VAL A 31 -0.64 -6.66 1.03
C VAL A 31 -0.42 -5.33 0.31
N LEU A 32 0.68 -5.24 -0.43
CA LEU A 32 1.00 -4.02 -1.16
C LEU A 32 0.22 -3.96 -2.48
N CYS A 33 -0.20 -2.76 -2.84
CA CYS A 33 -0.96 -2.57 -4.07
C CYS A 33 -0.05 -2.91 -5.26
N GLN A 34 -0.44 -3.94 -5.99
CA GLN A 34 0.32 -4.39 -7.15
C GLN A 34 0.21 -3.39 -8.30
N PHE A 35 -0.94 -2.73 -8.39
CA PHE A 35 -1.17 -1.74 -9.44
C PHE A 35 -0.39 -0.46 -9.16
N CYS A 36 -0.04 -0.25 -7.90
CA CYS A 36 0.69 0.94 -7.51
C CYS A 36 2.06 0.90 -8.20
N ASP A 37 2.65 2.08 -8.34
CA ASP A 37 3.95 2.22 -8.97
C ASP A 37 4.75 3.37 -8.35
N GLN A 38 4.45 3.68 -7.09
CA GLN A 38 5.13 4.75 -6.39
C GLN A 38 6.58 4.38 -6.09
N ASP A 39 6.79 3.13 -5.66
CA ASP A 39 8.12 2.65 -5.34
C ASP A 39 8.75 3.49 -4.22
N PRO A 40 8.45 3.11 -2.96
CA PRO A 40 7.57 1.97 -2.66
C PRO A 40 6.12 2.24 -3.04
N ALA A 41 5.36 1.18 -3.26
CA ALA A 41 3.95 1.30 -3.61
C ALA A 41 3.10 1.56 -2.39
N GLN A 42 1.88 2.04 -2.60
CA GLN A 42 0.96 2.33 -1.51
C GLN A 42 0.29 1.06 -1.01
N ASP A 43 -0.10 1.06 0.26
CA ASP A 43 -0.76 -0.10 0.87
C ASP A 43 -2.15 -0.29 0.29
N ALA A 44 -2.45 -1.53 -0.09
CA ALA A 44 -3.76 -1.86 -0.66
C ALA A 44 -4.74 -2.27 0.43
N VAL A 45 -5.79 -1.48 0.59
CA VAL A 45 -6.81 -1.76 1.60
C VAL A 45 -8.08 -2.30 0.96
N LYS A 46 -7.93 -2.91 -0.22
CA LYS A 46 -9.07 -3.47 -0.93
C LYS A 46 -8.68 -4.75 -1.67
N THR A 47 -9.67 -5.56 -2.02
CA THR A 47 -9.42 -6.82 -2.72
C THR A 47 -10.64 -7.24 -3.53
N CYS A 48 -10.58 -7.02 -4.84
CA CYS A 48 -11.67 -7.38 -5.71
C CYS A 48 -11.51 -8.85 -6.13
N VAL A 49 -12.36 -9.69 -5.56
CA VAL A 49 -12.33 -11.12 -5.84
C VAL A 49 -12.51 -11.38 -7.34
N THR A 50 -13.41 -10.64 -7.96
CA THR A 50 -13.70 -10.79 -9.38
C THR A 50 -12.45 -10.48 -10.22
N CYS A 51 -11.67 -9.52 -9.75
CA CYS A 51 -10.46 -9.14 -10.47
C CYS A 51 -9.34 -10.09 -10.06
N GLU A 52 -9.53 -10.73 -8.90
CA GLU A 52 -8.55 -11.67 -8.38
C GLU A 52 -7.24 -10.97 -8.06
N VAL A 53 -7.33 -9.71 -7.64
CA VAL A 53 -6.15 -8.93 -7.30
C VAL A 53 -6.46 -7.89 -6.23
N SER A 54 -5.50 -7.63 -5.36
CA SER A 54 -5.67 -6.66 -4.28
C SER A 54 -5.17 -5.29 -4.71
N TYR A 55 -6.01 -4.27 -4.51
CA TYR A 55 -5.66 -2.90 -4.88
C TYR A 55 -5.89 -1.95 -3.71
N CYS A 56 -5.51 -0.70 -3.89
CA CYS A 56 -5.68 0.30 -2.85
C CYS A 56 -6.90 1.15 -3.19
N ASP A 57 -6.94 2.35 -2.60
CA ASP A 57 -8.04 3.27 -2.82
C ASP A 57 -7.86 4.01 -4.15
N GLU A 58 -6.81 4.84 -4.22
CA GLU A 58 -6.53 5.61 -5.42
C GLU A 58 -6.70 4.75 -6.67
N CYS A 59 -5.94 3.67 -6.75
CA CYS A 59 -6.00 2.78 -7.89
C CYS A 59 -7.46 2.41 -8.12
N LEU A 60 -8.08 1.86 -7.08
CA LEU A 60 -9.48 1.46 -7.14
C LEU A 60 -10.36 2.58 -7.69
N LYS A 61 -9.92 3.81 -7.46
CA LYS A 61 -10.67 4.98 -7.93
C LYS A 61 -10.62 5.07 -9.45
N ALA A 62 -9.46 4.79 -10.02
CA ALA A 62 -9.29 4.84 -11.47
C ALA A 62 -9.80 3.55 -12.12
N THR A 63 -9.35 2.42 -11.60
CA THR A 63 -9.75 1.11 -12.13
C THR A 63 -11.24 0.87 -11.91
N HIS A 64 -11.71 1.16 -10.71
CA HIS A 64 -13.13 0.97 -10.38
C HIS A 64 -13.80 2.31 -10.13
N PRO A 65 -14.06 3.06 -11.21
CA PRO A 65 -14.71 4.37 -11.14
C PRO A 65 -16.17 4.27 -10.74
N ASN A 66 -16.47 4.62 -9.49
CA ASN A 66 -17.84 4.56 -8.98
C ASN A 66 -17.89 5.01 -7.53
N LYS A 67 -19.07 4.89 -6.92
CA LYS A 67 -19.26 5.26 -5.53
C LYS A 67 -20.41 4.49 -4.90
N LYS A 68 -20.07 3.40 -4.22
CA LYS A 68 -21.07 2.57 -3.56
C LYS A 68 -22.02 1.95 -4.58
N PRO A 69 -22.71 0.87 -4.18
CA PRO A 69 -22.58 0.31 -2.83
C PRO A 69 -21.22 -0.36 -2.61
N PHE A 70 -20.49 -0.58 -3.70
CA PHE A 70 -19.18 -1.21 -3.63
C PHE A 70 -18.38 -0.94 -4.88
N THR A 71 -18.41 0.32 -5.34
CA THR A 71 -17.68 0.71 -6.54
C THR A 71 -18.08 -0.15 -7.74
N GLY A 72 -19.25 -0.76 -7.65
CA GLY A 72 -19.72 -1.61 -8.74
C GLY A 72 -19.22 -3.03 -8.63
N HIS A 73 -17.91 -3.18 -8.43
CA HIS A 73 -17.29 -4.49 -8.31
C HIS A 73 -17.51 -5.06 -6.92
N ARG A 74 -17.08 -6.31 -6.72
CA ARG A 74 -17.23 -6.98 -5.44
C ARG A 74 -15.98 -6.81 -4.58
N LEU A 75 -15.91 -7.55 -3.48
CA LEU A 75 -14.77 -7.49 -2.58
C LEU A 75 -14.74 -8.70 -1.65
N ILE A 76 -13.86 -8.65 -0.65
CA ILE A 76 -13.73 -9.74 0.31
C ILE A 76 -15.09 -10.10 0.90
N GLU A 77 -15.49 -11.36 0.69
CA GLU A 77 -16.77 -11.84 1.19
C GLU A 77 -16.91 -11.56 2.69
N PRO A 78 -15.98 -12.13 3.48
CA PRO A 78 -15.96 -11.95 4.94
C PRO A 78 -15.58 -10.53 5.34
#